data_1Y2J
#
_entry.id   1Y2J
#
_cell.length_a   89.484
_cell.length_b   94.235
_cell.length_c   106.843
_cell.angle_alpha   90.00
_cell.angle_beta   90.00
_cell.angle_gamma   90.00
#
_symmetry.space_group_name_H-M   'P 21 21 21'
#
loop_
_entity.id
_entity.type
_entity.pdbx_description
1 polymer "cAMP-specific 3',5'-cyclic phosphodiesterase 4B"
2 non-polymer 'ZINC ION'
3 non-polymer 'MAGNESIUM ION'
4 non-polymer '3,5-DIMETHYL-1-(3-NITROPHENYL)-1H-PYRAZOLE-4-CARBOXYLIC ACID ETHYL ESTER'
5 water water
#
_entity_poly.entity_id   1
_entity_poly.type   'polypeptide(L)'
_entity_poly.pdbx_seq_one_letter_code
;MGSSHHHHHHSSGLVPRGSHMSISRFGVNTENEDHLAKELEDLNKWGLNIFNVAGYSHNRPLT(CME)IMYAIFQERDLL
KTFRISSDTFITYMMTLEDHYHSDVAYHNSLHAADVAQSTHVLLSTPALDAVFTDLEILAAIFAAAIHDVDHPGVSNQFL
INTNSELALMYNDESVLENHHLAVGFKLLQEEHCDIFMNLTKKQRQTLRKMVIDMVLATDMSKHMSLLADLKTMVETKKV
TSSGVLLLDNYTDRIQVLRNMVHCADLSNPTKSLELYRQWTDRIMEEFFQQGDKERERGMEISPMCDKHTASVEKSQVGF
IDYIVHPLWETWADLVQPDAQDILDTLEDNRNWYQSMIPQSPSPPLDEQNRDCQGLMEKFQFELTLDEEDSEGPEKEGEG
HS
;
_entity_poly.pdbx_strand_id   A,B
#
loop_
_chem_comp.id
_chem_comp.type
_chem_comp.name
_chem_comp.formula
7DE non-polymer '3,5-DIMETHYL-1-(3-NITROPHENYL)-1H-PYRAZOLE-4-CARBOXYLIC ACID ETHYL ESTER' 'C14 H15 N3 O4'
MG non-polymer 'MAGNESIUM ION' 'Mg 2'
ZN non-polymer 'ZINC ION' 'Zn 2'
#
# COMPACT_ATOMS: atom_id res chain seq x y z
N GLU A 33 -36.48 -0.89 22.87
CA GLU A 33 -37.96 -0.92 22.65
C GLU A 33 -38.38 0.56 22.51
N ASP A 34 -39.37 1.03 23.27
CA ASP A 34 -39.69 2.47 23.24
C ASP A 34 -38.46 3.33 23.68
N HIS A 35 -37.51 2.73 24.42
CA HIS A 35 -36.29 3.41 24.88
C HIS A 35 -35.32 3.64 23.74
N LEU A 36 -35.35 2.77 22.73
CA LEU A 36 -34.49 2.93 21.58
C LEU A 36 -34.86 4.20 20.86
N ALA A 37 -36.16 4.36 20.63
CA ALA A 37 -36.71 5.53 19.94
C ALA A 37 -36.29 6.83 20.65
N LYS A 38 -36.30 6.78 21.98
CA LYS A 38 -35.94 7.92 22.83
C LYS A 38 -34.51 8.37 22.56
N GLU A 39 -33.62 7.41 22.48
CA GLU A 39 -32.23 7.68 22.25
C GLU A 39 -31.92 8.16 20.84
N LEU A 40 -32.73 7.75 19.85
CA LEU A 40 -32.48 8.16 18.47
C LEU A 40 -33.03 9.57 18.15
N GLU A 41 -33.60 10.23 19.17
CA GLU A 41 -33.96 11.63 19.06
C GLU A 41 -32.67 12.44 19.03
N ASP A 42 -31.58 11.88 19.57
CA ASP A 42 -30.26 12.53 19.55
C ASP A 42 -29.37 12.02 18.41
N LEU A 43 -29.93 11.38 17.39
CA LEU A 43 -29.11 10.85 16.29
C LEU A 43 -28.26 11.93 15.66
N ASN A 44 -28.83 13.11 15.53
CA ASN A 44 -28.13 14.24 14.92
C ASN A 44 -27.20 14.99 15.89
N LYS A 45 -27.21 14.63 17.19
CA LYS A 45 -26.39 15.31 18.22
C LYS A 45 -25.09 14.58 18.63
N TRP A 46 -24.10 15.39 19.02
CA TRP A 46 -22.82 14.87 19.53
C TRP A 46 -23.07 14.09 20.81
N GLY A 47 -24.09 14.49 21.54
CA GLY A 47 -24.43 13.86 22.79
C GLY A 47 -25.08 12.48 22.75
N LEU A 48 -25.03 11.78 21.61
CA LEU A 48 -25.60 10.45 21.55
C LEU A 48 -24.78 9.48 22.42
N ASN A 49 -25.50 8.81 23.32
CA ASN A 49 -24.91 7.76 24.14
C ASN A 49 -25.11 6.44 23.36
N ILE A 50 -24.09 6.03 22.62
CA ILE A 50 -24.17 4.83 21.79
C ILE A 50 -24.21 3.52 22.57
N PHE A 51 -23.80 3.54 23.83
CA PHE A 51 -23.82 2.34 24.66
C PHE A 51 -25.25 1.96 24.89
N ASN A 52 -26.06 2.98 25.13
CA ASN A 52 -27.50 2.86 25.34
C ASN A 52 -28.24 2.27 24.13
N VAL A 53 -27.92 2.77 22.93
CA VAL A 53 -28.58 2.25 21.72
C VAL A 53 -28.21 0.79 21.49
N ALA A 54 -26.96 0.43 21.72
CA ALA A 54 -26.56 -0.97 21.59
C ALA A 54 -27.47 -1.86 22.43
N GLY A 55 -27.81 -1.38 23.63
CA GLY A 55 -28.66 -2.09 24.57
C GLY A 55 -30.08 -2.32 24.12
N TYR A 56 -30.60 -1.43 23.29
CA TYR A 56 -31.97 -1.56 22.79
C TYR A 56 -32.03 -2.03 21.31
N SER A 57 -30.95 -2.67 20.85
CA SER A 57 -30.90 -3.17 19.47
C SER A 57 -30.43 -4.64 19.36
N HIS A 58 -30.70 -5.46 20.39
CA HIS A 58 -30.25 -6.86 20.43
C HIS A 58 -28.72 -6.92 20.25
N ASN A 59 -28.02 -5.99 20.89
CA ASN A 59 -26.56 -5.88 20.79
C ASN A 59 -26.08 -5.76 19.34
N ARG A 60 -26.57 -4.74 18.64
CA ARG A 60 -26.23 -4.49 17.22
C ARG A 60 -26.28 -2.98 16.85
N PRO A 61 -25.43 -2.18 17.51
CA PRO A 61 -25.40 -0.72 17.31
C PRO A 61 -25.09 -0.29 15.90
N LEU A 62 -24.13 -0.94 15.28
CA LEU A 62 -23.74 -0.56 13.94
C LEU A 62 -24.87 -0.69 12.92
N THR A 63 -25.69 -1.74 13.01
CA THR A 63 -26.81 -1.89 12.06
C THR A 63 -27.74 -0.71 12.35
N CME A 64 -28.59 -0.75 13.37
CA CME A 64 -29.35 0.29 14.05
CB CME A 64 -29.40 -0.02 15.51
SG CME A 64 -30.85 0.69 16.17
SD CME A 64 -32.55 0.62 14.99
CE CME A 64 -33.28 2.22 14.65
CZ CME A 64 -33.90 2.36 13.27
OH CME A 64 -34.08 3.49 12.79
C CME A 64 -28.87 1.68 13.62
O CME A 64 -29.30 2.15 12.58
N ILE A 65 -27.76 2.16 14.20
CA ILE A 65 -27.18 3.47 13.86
C ILE A 65 -26.91 3.69 12.35
N MET A 66 -26.58 2.65 11.60
CA MET A 66 -26.43 2.84 10.15
C MET A 66 -27.78 3.00 9.48
N TYR A 67 -28.73 2.13 9.81
CA TYR A 67 -30.08 2.23 9.27
C TYR A 67 -30.54 3.63 9.63
N ALA A 68 -30.63 3.95 10.92
CA ALA A 68 -31.01 5.29 11.41
C ALA A 68 -30.37 6.50 10.69
N ILE A 69 -29.11 6.40 10.30
CA ILE A 69 -28.45 7.52 9.63
C ILE A 69 -28.90 7.66 8.16
N PHE A 70 -28.91 6.54 7.42
CA PHE A 70 -29.29 6.55 6.01
C PHE A 70 -30.75 7.01 5.81
N GLN A 71 -31.64 6.64 6.73
CA GLN A 71 -33.01 7.07 6.67
C GLN A 71 -33.03 8.58 6.89
N GLU A 72 -32.27 9.01 7.90
CA GLU A 72 -32.21 10.44 8.24
C GLU A 72 -31.70 11.30 7.08
N ARG A 73 -30.76 10.81 6.29
CA ARG A 73 -30.24 11.59 5.15
C ARG A 73 -30.87 11.18 3.80
N ASP A 74 -31.88 10.32 3.85
CA ASP A 74 -32.53 9.82 2.63
C ASP A 74 -31.51 9.27 1.63
N LEU A 75 -30.52 8.54 2.10
CA LEU A 75 -29.51 7.97 1.22
C LEU A 75 -30.00 6.67 0.60
N LEU A 76 -30.92 6.01 1.29
CA LEU A 76 -31.51 4.78 0.76
C LEU A 76 -32.31 5.15 -0.50
N LYS A 77 -33.06 6.25 -0.40
CA LYS A 77 -33.83 6.78 -1.52
C LYS A 77 -32.93 7.32 -2.63
N THR A 78 -32.06 8.29 -2.30
CA THR A 78 -31.20 8.97 -3.28
C THR A 78 -30.29 8.06 -4.08
N PHE A 79 -30.03 6.86 -3.59
CA PHE A 79 -29.08 5.99 -4.25
C PHE A 79 -29.62 4.59 -4.58
N ARG A 80 -30.96 4.47 -4.63
CA ARG A 80 -31.60 3.22 -5.02
C ARG A 80 -31.15 2.00 -4.20
N ILE A 81 -31.04 2.14 -2.89
CA ILE A 81 -30.67 1.01 -2.05
C ILE A 81 -31.89 0.46 -1.35
N SER A 82 -32.14 -0.83 -1.54
CA SER A 82 -33.24 -1.49 -0.85
C SER A 82 -32.87 -1.75 0.62
N SER A 83 -33.84 -1.56 1.52
CA SER A 83 -33.66 -1.85 2.95
C SER A 83 -33.24 -3.31 3.14
N ASP A 84 -33.77 -4.17 2.30
CA ASP A 84 -33.48 -5.58 2.40
C ASP A 84 -31.97 -5.72 2.29
N THR A 85 -31.43 -5.17 1.19
CA THR A 85 -30.01 -5.21 0.88
C THR A 85 -29.17 -4.54 1.98
N PHE A 86 -29.48 -3.27 2.25
CA PHE A 86 -28.74 -2.50 3.23
C PHE A 86 -28.67 -3.16 4.59
N ILE A 87 -29.77 -3.80 5.03
CA ILE A 87 -29.77 -4.44 6.34
C ILE A 87 -28.86 -5.67 6.34
N THR A 88 -29.00 -6.56 5.36
CA THR A 88 -28.17 -7.77 5.33
C THR A 88 -26.68 -7.46 5.19
N TYR A 89 -26.32 -6.35 4.52
CA TYR A 89 -24.92 -5.98 4.41
C TYR A 89 -24.38 -5.61 5.80
N MET A 90 -25.04 -4.64 6.42
CA MET A 90 -24.69 -4.09 7.73
C MET A 90 -24.62 -5.14 8.82
N MET A 91 -25.48 -6.14 8.74
CA MET A 91 -25.51 -7.22 9.69
C MET A 91 -24.28 -8.09 9.51
N THR A 92 -23.98 -8.43 8.26
CA THR A 92 -22.81 -9.23 7.90
C THR A 92 -21.52 -8.46 8.26
N LEU A 93 -21.58 -7.15 8.10
CA LEU A 93 -20.44 -6.28 8.33
C LEU A 93 -20.17 -6.21 9.82
N GLU A 94 -21.27 -6.09 10.55
CA GLU A 94 -21.27 -5.98 12.00
C GLU A 94 -20.82 -7.27 12.66
N ASP A 95 -21.12 -8.39 12.02
CA ASP A 95 -20.77 -9.69 12.59
C ASP A 95 -19.30 -10.02 12.33
N HIS A 96 -18.69 -9.17 11.50
CA HIS A 96 -17.27 -9.25 11.12
C HIS A 96 -16.32 -8.42 12.02
N TYR A 97 -16.87 -7.70 13.00
CA TYR A 97 -16.08 -7.01 14.01
C TYR A 97 -16.04 -8.05 15.12
N HIS A 98 -14.95 -8.14 15.89
CA HIS A 98 -14.87 -9.15 16.96
C HIS A 98 -15.55 -8.62 18.18
N SER A 99 -16.51 -9.40 18.69
CA SER A 99 -17.26 -9.04 19.88
C SER A 99 -16.48 -9.31 21.18
N ASP A 100 -15.46 -10.15 21.10
CA ASP A 100 -14.60 -10.45 22.25
C ASP A 100 -13.34 -9.54 22.28
N VAL A 101 -13.36 -8.45 21.51
CA VAL A 101 -12.27 -7.48 21.41
C VAL A 101 -12.74 -6.21 22.15
N ALA A 102 -11.99 -5.77 23.15
CA ALA A 102 -12.47 -4.68 24.04
C ALA A 102 -12.89 -3.34 23.41
N TYR A 103 -12.08 -2.78 22.52
CA TYR A 103 -12.38 -1.47 21.94
C TYR A 103 -12.85 -1.54 20.49
N HIS A 104 -12.07 -2.19 19.62
CA HIS A 104 -12.37 -2.24 18.19
C HIS A 104 -13.46 -3.29 17.78
N ASN A 105 -14.62 -3.20 18.43
CA ASN A 105 -15.80 -4.03 18.22
C ASN A 105 -16.84 -3.25 17.41
N SER A 106 -18.02 -3.84 17.19
CA SER A 106 -19.02 -3.20 16.35
C SER A 106 -19.48 -1.86 16.89
N LEU A 107 -19.39 -1.69 18.21
CA LEU A 107 -19.84 -0.47 18.87
C LEU A 107 -19.03 0.78 18.53
N HIS A 108 -17.72 0.61 18.32
CA HIS A 108 -16.83 1.71 17.94
C HIS A 108 -17.08 2.15 16.46
N ALA A 109 -17.32 1.18 15.58
CA ALA A 109 -17.71 1.48 14.18
C ALA A 109 -19.00 2.32 14.21
N ALA A 110 -19.95 1.87 14.99
CA ALA A 110 -21.20 2.55 15.13
C ALA A 110 -21.05 3.99 15.59
N ASP A 111 -19.99 4.23 16.37
CA ASP A 111 -19.81 5.53 17.01
C ASP A 111 -19.09 6.47 16.06
N VAL A 112 -18.17 5.97 15.27
CA VAL A 112 -17.47 6.83 14.34
C VAL A 112 -18.50 7.20 13.25
N ALA A 113 -19.29 6.21 12.81
CA ALA A 113 -20.33 6.48 11.84
C ALA A 113 -21.22 7.60 12.34
N GLN A 114 -21.75 7.48 13.56
CA GLN A 114 -22.66 8.50 14.08
C GLN A 114 -21.96 9.86 14.22
N SER A 115 -20.73 9.88 14.73
CA SER A 115 -19.95 11.12 14.87
C SER A 115 -19.75 11.81 13.50
N THR A 116 -19.29 11.04 12.54
CA THR A 116 -19.06 11.57 11.19
C THR A 116 -20.36 12.23 10.63
N HIS A 117 -21.52 11.65 10.94
CA HIS A 117 -22.80 12.16 10.49
C HIS A 117 -23.10 13.51 11.15
N VAL A 118 -22.63 13.70 12.38
CA VAL A 118 -22.82 14.96 13.09
C VAL A 118 -21.91 16.00 12.46
N LEU A 119 -20.65 15.63 12.35
CA LEU A 119 -19.62 16.49 11.78
C LEU A 119 -19.93 16.95 10.37
N LEU A 120 -20.60 16.09 9.61
CA LEU A 120 -20.97 16.41 8.24
C LEU A 120 -22.04 17.50 8.25
N SER A 121 -22.80 17.61 9.35
CA SER A 121 -23.85 18.64 9.50
C SER A 121 -23.33 19.96 10.06
N THR A 122 -22.02 20.03 10.31
CA THR A 122 -21.40 21.24 10.83
C THR A 122 -21.74 22.41 9.87
N PRO A 123 -22.26 23.52 10.41
CA PRO A 123 -22.63 24.70 9.61
C PRO A 123 -21.57 25.20 8.62
N ALA A 124 -20.30 25.18 8.98
CA ALA A 124 -19.27 25.71 8.11
C ALA A 124 -18.96 24.82 6.90
N LEU A 125 -19.69 23.72 6.75
CA LEU A 125 -19.54 22.81 5.63
C LEU A 125 -20.90 22.52 5.00
N ASP A 126 -21.82 23.48 5.06
CA ASP A 126 -23.17 23.31 4.54
C ASP A 126 -23.29 23.25 2.99
N ALA A 127 -23.84 22.14 2.50
CA ALA A 127 -24.04 21.87 1.06
C ALA A 127 -22.75 21.96 0.25
N VAL A 128 -21.63 21.69 0.94
CA VAL A 128 -20.28 21.76 0.37
C VAL A 128 -19.88 20.42 -0.26
N PHE A 129 -20.52 19.35 0.21
CA PHE A 129 -20.26 17.99 -0.25
C PHE A 129 -21.44 17.44 -1.05
N THR A 130 -21.14 16.61 -2.06
CA THR A 130 -22.19 15.94 -2.80
C THR A 130 -22.68 14.79 -1.90
N ASP A 131 -23.89 14.29 -2.14
CA ASP A 131 -24.40 13.13 -1.41
C ASP A 131 -23.51 11.90 -1.67
N LEU A 132 -22.87 11.83 -2.83
CA LEU A 132 -21.96 10.73 -3.13
C LEU A 132 -20.82 10.73 -2.12
N GLU A 133 -20.31 11.94 -1.85
CA GLU A 133 -19.21 12.22 -0.91
C GLU A 133 -19.65 11.95 0.52
N ILE A 134 -20.88 12.33 0.83
CA ILE A 134 -21.47 12.11 2.15
C ILE A 134 -21.63 10.61 2.42
N LEU A 135 -22.18 9.92 1.44
CA LEU A 135 -22.37 8.47 1.47
C LEU A 135 -21.05 7.71 1.65
N ALA A 136 -19.99 8.21 1.03
CA ALA A 136 -18.65 7.60 1.10
C ALA A 136 -18.04 7.77 2.52
N ALA A 137 -18.28 8.91 3.12
CA ALA A 137 -17.77 9.25 4.44
C ALA A 137 -18.27 8.36 5.57
N ILE A 138 -19.59 8.17 5.62
CA ILE A 138 -20.26 7.37 6.64
C ILE A 138 -19.97 5.89 6.46
N PHE A 139 -19.99 5.45 5.21
CA PHE A 139 -19.77 4.04 4.89
C PHE A 139 -18.35 3.74 5.24
N ALA A 140 -17.48 4.70 5.00
CA ALA A 140 -16.05 4.54 5.30
C ALA A 140 -15.96 4.32 6.81
N ALA A 141 -16.50 5.27 7.56
CA ALA A 141 -16.52 5.22 9.01
C ALA A 141 -17.01 3.89 9.60
N ALA A 142 -17.88 3.21 8.88
CA ALA A 142 -18.51 1.98 9.36
C ALA A 142 -17.71 0.71 9.14
N ILE A 143 -16.90 0.68 8.09
CA ILE A 143 -16.09 -0.48 7.75
C ILE A 143 -14.66 -0.26 8.23
N HIS A 144 -14.41 0.89 8.85
CA HIS A 144 -13.07 1.38 9.04
C HIS A 144 -12.14 0.55 9.98
N ASP A 145 -12.69 -0.19 10.95
CA ASP A 145 -11.90 -1.15 11.75
C ASP A 145 -12.48 -2.59 11.64
N VAL A 146 -13.13 -2.91 10.51
CA VAL A 146 -13.81 -4.19 10.37
C VAL A 146 -12.80 -5.30 10.40
N ASP A 147 -13.10 -6.31 11.21
CA ASP A 147 -12.25 -7.47 11.42
C ASP A 147 -10.91 -7.15 12.07
N HIS A 148 -10.89 -6.14 12.96
CA HIS A 148 -9.72 -5.73 13.75
C HIS A 148 -9.44 -6.84 14.77
N PRO A 149 -8.19 -7.32 14.87
CA PRO A 149 -7.82 -8.41 15.80
C PRO A 149 -7.50 -8.02 17.25
N GLY A 150 -7.55 -6.75 17.58
CA GLY A 150 -7.27 -6.28 18.92
C GLY A 150 -5.81 -5.96 19.15
N VAL A 151 -5.00 -5.99 18.13
CA VAL A 151 -3.59 -5.66 18.29
C VAL A 151 -3.16 -4.64 17.23
N SER A 152 -1.99 -4.06 17.43
CA SER A 152 -1.49 -2.95 16.59
C SER A 152 -0.88 -3.39 15.27
N ASN A 153 -0.65 -2.42 14.39
CA ASN A 153 0.08 -2.72 13.17
C ASN A 153 1.46 -3.18 13.52
N GLN A 154 2.02 -2.58 14.58
CA GLN A 154 3.39 -2.88 15.00
C GLN A 154 3.53 -4.32 15.48
N PHE A 155 2.55 -4.79 16.24
CA PHE A 155 2.56 -6.15 16.78
C PHE A 155 2.55 -7.13 15.63
N LEU A 156 1.61 -6.93 14.70
CA LEU A 156 1.49 -7.82 13.57
C LEU A 156 2.70 -7.79 12.69
N ILE A 157 3.42 -6.66 12.65
CA ILE A 157 4.67 -6.58 11.86
C ILE A 157 5.78 -7.33 12.57
N ASN A 158 5.90 -7.09 13.87
CA ASN A 158 6.92 -7.71 14.74
C ASN A 158 6.74 -9.21 14.95
N THR A 159 5.49 -9.69 14.85
CA THR A 159 5.20 -11.13 15.01
C THR A 159 5.25 -11.86 13.68
N ASN A 160 5.50 -11.10 12.60
CA ASN A 160 5.52 -11.65 11.23
C ASN A 160 4.18 -12.29 10.87
N SER A 161 3.08 -11.81 11.45
CA SER A 161 1.73 -12.31 11.15
C SER A 161 1.43 -12.33 9.65
N GLU A 162 0.46 -13.16 9.26
CA GLU A 162 0.12 -13.28 7.84
C GLU A 162 -0.33 -11.94 7.23
N LEU A 163 -1.07 -11.14 7.97
CA LEU A 163 -1.50 -9.83 7.48
C LEU A 163 -0.35 -8.89 7.14
N ALA A 164 0.70 -8.91 7.96
CA ALA A 164 1.85 -8.05 7.71
C ALA A 164 2.55 -8.49 6.42
N LEU A 165 2.65 -9.80 6.22
CA LEU A 165 3.30 -10.33 5.07
C LEU A 165 2.42 -10.08 3.82
N MET A 166 1.12 -10.24 3.97
CA MET A 166 0.20 -9.98 2.89
C MET A 166 0.37 -8.53 2.42
N TYR A 167 0.48 -7.62 3.39
CA TYR A 167 0.53 -6.19 3.14
C TYR A 167 1.88 -5.50 3.23
N ASN A 168 2.98 -6.24 3.16
CA ASN A 168 4.29 -5.58 3.18
C ASN A 168 4.46 -4.51 4.26
N ASP A 169 3.94 -4.77 5.44
CA ASP A 169 4.06 -3.86 6.58
C ASP A 169 3.56 -2.41 6.42
N GLU A 170 2.89 -2.03 5.31
CA GLU A 170 2.39 -0.64 5.18
C GLU A 170 0.90 -0.58 5.45
N SER A 171 0.48 0.41 6.21
CA SER A 171 -0.92 0.49 6.65
C SER A 171 -1.60 -0.89 6.56
N VAL A 172 -1.17 -1.80 7.43
CA VAL A 172 -1.61 -3.19 7.41
C VAL A 172 -3.09 -3.38 7.72
N LEU A 173 -3.50 -3.05 8.94
CA LEU A 173 -4.88 -3.27 9.31
C LEU A 173 -5.84 -2.41 8.45
N GLU A 174 -5.39 -1.21 8.11
CA GLU A 174 -6.22 -0.26 7.39
C GLU A 174 -6.49 -0.79 5.99
N ASN A 175 -5.49 -1.40 5.40
CA ASN A 175 -5.62 -2.01 4.09
C ASN A 175 -6.60 -3.18 4.21
N HIS A 176 -6.52 -3.89 5.33
CA HIS A 176 -7.32 -5.08 5.53
C HIS A 176 -8.78 -4.76 5.73
N HIS A 177 -9.02 -3.80 6.60
CA HIS A 177 -10.36 -3.34 6.90
C HIS A 177 -11.02 -3.02 5.54
N LEU A 178 -10.27 -2.37 4.64
CA LEU A 178 -10.80 -2.01 3.35
C LEU A 178 -11.08 -3.24 2.50
N ALA A 179 -10.12 -4.17 2.49
CA ALA A 179 -10.25 -5.41 1.72
C ALA A 179 -11.54 -6.12 2.07
N VAL A 180 -11.81 -6.30 3.37
CA VAL A 180 -13.02 -6.96 3.86
C VAL A 180 -14.33 -6.21 3.55
N GLY A 181 -14.34 -4.91 3.81
CA GLY A 181 -15.52 -4.11 3.59
C GLY A 181 -16.05 -4.25 2.19
N PHE A 182 -15.13 -4.20 1.23
CA PHE A 182 -15.45 -4.33 -0.19
C PHE A 182 -15.65 -5.78 -0.63
N LYS A 183 -15.01 -6.78 0.01
CA LYS A 183 -15.21 -8.18 -0.40
C LYS A 183 -16.68 -8.62 -0.17
N LEU A 184 -17.33 -8.00 0.82
CA LEU A 184 -18.71 -8.34 1.17
C LEU A 184 -19.73 -7.75 0.18
N LEU A 185 -19.35 -6.65 -0.46
CA LEU A 185 -20.17 -6.02 -1.49
C LEU A 185 -20.11 -6.77 -2.83
N GLN A 186 -19.35 -7.86 -2.92
CA GLN A 186 -19.25 -8.65 -4.15
C GLN A 186 -20.37 -9.68 -4.23
N GLU A 187 -20.80 -10.19 -3.07
CA GLU A 187 -21.91 -11.14 -3.04
C GLU A 187 -23.18 -10.40 -3.52
N GLU A 188 -23.82 -10.91 -4.57
CA GLU A 188 -25.03 -10.27 -5.15
C GLU A 188 -26.10 -9.69 -4.17
N HIS A 189 -26.58 -10.52 -3.23
CA HIS A 189 -27.58 -10.11 -2.22
C HIS A 189 -27.05 -8.99 -1.30
N CYS A 190 -25.73 -8.83 -1.20
CA CYS A 190 -25.11 -7.81 -0.32
C CYS A 190 -24.66 -6.45 -0.96
N ASP A 191 -24.48 -6.38 -2.28
CA ASP A 191 -23.97 -5.13 -2.91
C ASP A 191 -24.94 -3.96 -2.78
N ILE A 192 -24.71 -3.10 -1.81
CA ILE A 192 -25.57 -1.92 -1.62
C ILE A 192 -25.36 -0.81 -2.67
N PHE A 193 -24.20 -0.75 -3.32
CA PHE A 193 -23.95 0.23 -4.38
C PHE A 193 -24.32 -0.32 -5.78
N MET A 194 -25.03 -1.45 -5.82
CA MET A 194 -25.42 -2.11 -7.06
C MET A 194 -26.15 -1.19 -8.07
N ASN A 195 -27.02 -0.29 -7.59
CA ASN A 195 -27.72 0.66 -8.47
C ASN A 195 -27.03 2.04 -8.57
N LEU A 196 -25.69 2.08 -8.41
CA LEU A 196 -24.87 3.28 -8.56
C LEU A 196 -24.23 3.24 -9.96
N THR A 197 -23.94 4.41 -10.53
CA THR A 197 -23.24 4.44 -11.81
C THR A 197 -21.92 3.72 -11.63
N LYS A 198 -21.29 3.44 -12.75
CA LYS A 198 -20.01 2.77 -12.77
C LYS A 198 -18.97 3.86 -12.41
N LYS A 199 -19.29 5.09 -12.83
CA LYS A 199 -18.45 6.26 -12.62
C LYS A 199 -18.48 6.64 -11.16
N GLN A 200 -19.69 6.71 -10.61
CA GLN A 200 -19.92 7.02 -9.21
C GLN A 200 -19.33 5.97 -8.24
N ARG A 201 -19.52 4.68 -8.52
CA ARG A 201 -19.05 3.57 -7.68
C ARG A 201 -17.52 3.55 -7.56
N GLN A 202 -16.88 3.96 -8.64
CA GLN A 202 -15.43 4.11 -8.77
C GLN A 202 -14.96 5.33 -7.95
N THR A 203 -15.68 6.45 -8.06
CA THR A 203 -15.34 7.68 -7.35
C THR A 203 -15.49 7.45 -5.86
N LEU A 204 -16.41 6.54 -5.51
CA LEU A 204 -16.72 6.17 -4.14
C LEU A 204 -15.58 5.33 -3.56
N ARG A 205 -15.34 4.17 -4.17
CA ARG A 205 -14.30 3.27 -3.78
C ARG A 205 -12.99 4.01 -3.62
N LYS A 206 -12.73 4.97 -4.49
CA LYS A 206 -11.52 5.77 -4.40
C LYS A 206 -11.56 6.68 -3.17
N MET A 207 -12.69 7.31 -2.88
CA MET A 207 -12.76 8.18 -1.69
C MET A 207 -12.70 7.38 -0.37
N VAL A 208 -13.37 6.24 -0.32
CA VAL A 208 -13.42 5.37 0.84
C VAL A 208 -12.01 4.80 1.16
N ILE A 209 -11.32 4.28 0.15
CA ILE A 209 -10.00 3.76 0.33
C ILE A 209 -9.15 4.84 1.00
N ASP A 210 -9.12 6.00 0.36
CA ASP A 210 -8.35 7.17 0.82
C ASP A 210 -8.59 7.49 2.31
N MET A 211 -9.85 7.46 2.75
CA MET A 211 -10.25 7.80 4.10
C MET A 211 -9.84 6.77 5.16
N VAL A 212 -10.05 5.49 4.89
CA VAL A 212 -9.69 4.45 5.85
C VAL A 212 -8.20 4.40 6.05
N LEU A 213 -7.46 4.55 4.96
CA LEU A 213 -6.00 4.62 5.04
C LEU A 213 -5.61 5.80 5.92
N ALA A 214 -6.36 6.90 5.84
CA ALA A 214 -6.08 8.08 6.65
C ALA A 214 -6.31 7.89 8.15
N THR A 215 -7.01 6.82 8.56
CA THR A 215 -7.19 6.52 9.99
C THR A 215 -5.98 5.76 10.60
N ASP A 216 -4.91 5.56 9.83
CA ASP A 216 -3.64 4.93 10.30
C ASP A 216 -2.93 5.94 11.20
N MET A 217 -2.63 5.59 12.45
CA MET A 217 -2.04 6.59 13.36
C MET A 217 -0.70 7.11 12.83
N SER A 218 0.05 6.29 12.12
CA SER A 218 1.37 6.69 11.65
C SER A 218 1.40 7.83 10.62
N LYS A 219 0.24 8.10 10.01
CA LYS A 219 0.08 9.18 9.03
C LYS A 219 -0.51 10.44 9.70
N HIS A 220 -0.75 10.36 11.01
CA HIS A 220 -1.43 11.40 11.76
C HIS A 220 -0.74 12.76 11.74
N MET A 221 0.52 12.78 12.14
CA MET A 221 1.30 14.00 12.20
C MET A 221 1.37 14.74 10.85
N SER A 222 1.57 14.01 9.76
CA SER A 222 1.66 14.63 8.42
C SER A 222 0.31 15.16 7.97
N LEU A 223 -0.72 14.45 8.38
CA LEU A 223 -2.08 14.79 8.07
C LEU A 223 -2.55 16.01 8.86
N LEU A 224 -1.82 16.30 9.94
CA LEU A 224 -2.10 17.42 10.82
C LEU A 224 -1.47 18.65 10.22
N ALA A 225 -0.33 18.48 9.57
CA ALA A 225 0.34 19.58 8.89
C ALA A 225 -0.50 20.02 7.70
N ASP A 226 -1.07 19.04 7.00
CA ASP A 226 -1.92 19.28 5.82
C ASP A 226 -3.18 20.09 6.20
N LEU A 227 -3.75 19.77 7.34
CA LEU A 227 -4.92 20.46 7.82
C LEU A 227 -4.56 21.87 8.26
N LYS A 228 -3.37 22.03 8.81
CA LYS A 228 -2.92 23.33 9.30
C LYS A 228 -2.69 24.32 8.15
N THR A 229 -2.09 23.83 7.06
CA THR A 229 -1.78 24.68 5.91
C THR A 229 -3.07 25.04 5.17
N MET A 230 -3.99 24.09 5.18
CA MET A 230 -5.28 24.30 4.56
C MET A 230 -6.08 25.38 5.29
N VAL A 231 -5.91 25.45 6.61
CA VAL A 231 -6.61 26.42 7.47
C VAL A 231 -6.06 27.82 7.25
N GLU A 232 -4.78 27.91 6.91
CA GLU A 232 -4.14 29.18 6.63
C GLU A 232 -4.60 29.76 5.29
N THR A 233 -5.15 28.89 4.43
CA THR A 233 -5.72 29.28 3.13
C THR A 233 -7.25 29.28 3.15
N LYS A 234 -7.82 29.15 4.35
CA LYS A 234 -9.27 29.11 4.57
C LYS A 234 -10.00 30.20 3.81
N LYS A 235 -10.72 29.79 2.77
CA LYS A 235 -11.55 30.70 2.01
C LYS A 235 -13.00 30.28 2.29
N VAL A 236 -13.90 31.26 2.35
CA VAL A 236 -15.30 31.03 2.66
C VAL A 236 -16.22 31.96 1.83
N THR A 237 -17.40 32.25 2.35
CA THR A 237 -18.30 33.20 1.75
C THR A 237 -18.65 34.17 2.89
N SER A 238 -19.65 35.01 2.69
CA SER A 238 -20.08 35.91 3.76
C SER A 238 -20.76 35.11 4.89
N SER A 239 -21.41 34.00 4.53
CA SER A 239 -22.19 33.17 5.45
C SER A 239 -21.40 32.17 6.33
N GLY A 240 -20.09 32.37 6.48
CA GLY A 240 -19.29 31.47 7.28
C GLY A 240 -19.36 30.06 6.71
N VAL A 241 -19.32 29.96 5.38
CA VAL A 241 -19.37 28.69 4.65
C VAL A 241 -18.12 28.56 3.78
N LEU A 242 -17.26 27.59 4.12
CA LEU A 242 -16.01 27.34 3.39
C LEU A 242 -16.25 27.04 1.94
N LEU A 243 -15.23 27.34 1.14
CA LEU A 243 -15.26 27.11 -0.28
C LEU A 243 -14.14 26.14 -0.55
N LEU A 244 -14.50 25.00 -1.15
CA LEU A 244 -13.54 23.99 -1.54
C LEU A 244 -13.48 23.94 -3.07
N ASP A 245 -12.27 24.09 -3.61
CA ASP A 245 -12.02 24.13 -5.06
C ASP A 245 -12.46 22.86 -5.79
N ASN A 246 -11.69 21.77 -5.64
CA ASN A 246 -12.03 20.50 -6.27
C ASN A 246 -11.92 19.34 -5.26
N TYR A 247 -11.64 18.16 -5.79
CA TYR A 247 -11.53 16.93 -5.04
C TYR A 247 -10.47 17.07 -3.95
N THR A 248 -9.24 17.39 -4.34
CA THR A 248 -8.10 17.53 -3.41
C THR A 248 -8.40 18.20 -2.09
N ASP A 249 -9.23 19.23 -2.15
CA ASP A 249 -9.63 20.01 -0.98
C ASP A 249 -10.80 19.39 -0.22
N ARG A 250 -11.71 18.76 -0.97
CA ARG A 250 -12.90 18.13 -0.40
C ARG A 250 -12.62 16.76 0.19
N ILE A 251 -11.66 16.05 -0.35
CA ILE A 251 -11.31 14.73 0.18
C ILE A 251 -10.33 14.88 1.34
N GLN A 252 -9.72 16.06 1.47
CA GLN A 252 -8.78 16.27 2.54
C GLN A 252 -9.54 16.59 3.79
N VAL A 253 -10.60 17.36 3.64
CA VAL A 253 -11.41 17.71 4.79
C VAL A 253 -12.08 16.43 5.26
N LEU A 254 -12.68 15.67 4.32
CA LEU A 254 -13.33 14.41 4.66
C LEU A 254 -12.32 13.43 5.29
N ARG A 255 -11.07 13.42 4.80
CA ARG A 255 -10.01 12.58 5.37
C ARG A 255 -9.92 12.85 6.87
N ASN A 256 -9.60 14.10 7.18
CA ASN A 256 -9.44 14.57 8.55
C ASN A 256 -10.72 14.53 9.34
N MET A 257 -11.85 14.72 8.69
CA MET A 257 -13.12 14.63 9.40
C MET A 257 -13.34 13.22 9.98
N VAL A 258 -13.03 12.17 9.21
CA VAL A 258 -13.14 10.80 9.74
C VAL A 258 -12.08 10.57 10.83
N HIS A 259 -10.86 11.03 10.58
CA HIS A 259 -9.76 10.88 11.53
C HIS A 259 -10.14 11.40 12.91
N CYS A 260 -10.74 12.61 12.95
CA CYS A 260 -11.29 13.24 14.16
C CYS A 260 -12.46 12.48 14.76
N ALA A 261 -13.27 11.83 13.92
CA ALA A 261 -14.38 11.01 14.43
C ALA A 261 -13.83 9.77 15.15
N ASP A 262 -12.80 9.16 14.56
CA ASP A 262 -12.06 8.05 15.16
C ASP A 262 -11.42 8.47 16.50
N LEU A 263 -10.96 9.74 16.61
CA LEU A 263 -10.32 10.28 17.84
C LEU A 263 -11.26 11.21 18.54
N SER A 264 -12.54 10.85 18.56
CA SER A 264 -13.57 11.70 19.14
C SER A 264 -13.92 11.37 20.58
N ASN A 265 -13.47 10.25 21.12
CA ASN A 265 -13.85 9.88 22.50
C ASN A 265 -13.59 10.95 23.58
N PRO A 266 -12.43 11.62 23.57
CA PRO A 266 -12.11 12.65 24.58
C PRO A 266 -12.82 13.98 24.43
N THR A 267 -13.75 14.08 23.49
CA THR A 267 -14.52 15.30 23.31
C THR A 267 -16.00 15.05 23.61
N LYS A 268 -16.36 13.82 23.97
CA LYS A 268 -17.74 13.43 24.30
C LYS A 268 -17.96 13.70 25.78
N SER A 269 -19.15 13.44 26.29
CA SER A 269 -19.39 13.67 27.74
C SER A 269 -18.42 12.86 28.61
N LEU A 270 -18.18 13.28 29.85
CA LEU A 270 -17.22 12.57 30.70
C LEU A 270 -17.65 11.10 30.85
N GLU A 271 -18.95 10.91 31.02
CA GLU A 271 -19.56 9.60 31.27
C GLU A 271 -19.34 8.56 30.19
N LEU A 272 -19.15 9.03 28.95
CA LEU A 272 -18.93 8.15 27.81
C LEU A 272 -17.47 8.05 27.50
N TYR A 273 -16.70 9.04 27.92
CA TYR A 273 -15.25 9.08 27.64
C TYR A 273 -14.50 8.06 28.48
N ARG A 274 -14.89 7.89 29.73
CA ARG A 274 -14.22 6.94 30.61
C ARG A 274 -14.58 5.52 30.21
N GLN A 275 -15.81 5.31 29.76
CA GLN A 275 -16.21 3.99 29.27
C GLN A 275 -15.36 3.64 28.07
N TRP A 276 -15.13 4.63 27.21
CA TRP A 276 -14.24 4.43 26.06
C TRP A 276 -12.80 4.21 26.54
N THR A 277 -12.36 4.88 27.60
CA THR A 277 -10.97 4.73 28.08
C THR A 277 -10.74 3.31 28.55
N ASP A 278 -11.65 2.83 29.39
CA ASP A 278 -11.56 1.49 29.93
C ASP A 278 -11.53 0.45 28.83
N ARG A 279 -12.26 0.71 27.76
CA ARG A 279 -12.31 -0.25 26.67
C ARG A 279 -11.00 -0.29 25.94
N ILE A 280 -10.40 0.86 25.62
CA ILE A 280 -9.11 0.84 24.89
C ILE A 280 -7.96 0.36 25.80
N MET A 281 -7.94 0.83 27.05
CA MET A 281 -6.98 0.40 28.05
C MET A 281 -6.99 -1.10 28.19
N GLU A 282 -8.18 -1.72 28.18
CA GLU A 282 -8.25 -3.16 28.31
C GLU A 282 -7.72 -3.90 27.09
N GLU A 283 -7.85 -3.31 25.92
CA GLU A 283 -7.33 -3.93 24.71
C GLU A 283 -5.80 -3.87 24.69
N PHE A 284 -5.27 -2.71 25.11
CA PHE A 284 -3.84 -2.44 25.18
C PHE A 284 -3.09 -3.34 26.22
N PHE A 285 -3.72 -3.62 27.37
CA PHE A 285 -3.10 -4.47 28.37
C PHE A 285 -3.09 -5.91 27.88
N GLN A 286 -4.20 -6.35 27.32
CA GLN A 286 -4.28 -7.70 26.76
C GLN A 286 -3.25 -7.87 25.65
N GLN A 287 -2.90 -6.79 24.94
CA GLN A 287 -1.82 -6.82 23.92
C GLN A 287 -0.49 -6.95 24.65
N GLY A 288 -0.38 -6.27 25.79
CA GLY A 288 0.79 -6.35 26.66
C GLY A 288 1.04 -7.75 27.18
N ASP A 289 -0.06 -8.43 27.53
CA ASP A 289 -0.03 -9.81 28.03
C ASP A 289 0.42 -10.82 26.97
N LYS A 290 0.14 -10.55 25.69
CA LYS A 290 0.56 -11.42 24.57
C LYS A 290 2.00 -11.12 24.19
N GLU A 291 2.40 -9.87 24.35
CA GLU A 291 3.78 -9.43 24.10
C GLU A 291 4.67 -10.06 25.18
N ARG A 292 4.16 -10.20 26.41
CA ARG A 292 4.96 -10.76 27.50
C ARG A 292 5.25 -12.26 27.32
N GLU A 293 4.24 -13.06 26.96
CA GLU A 293 4.43 -14.50 26.72
C GLU A 293 5.56 -14.67 25.75
N ARG A 294 5.44 -13.95 24.63
CA ARG A 294 6.41 -13.96 23.53
C ARG A 294 7.79 -13.41 23.90
N GLY A 295 7.87 -12.68 25.01
CA GLY A 295 9.12 -12.10 25.46
C GLY A 295 9.63 -10.98 24.56
N MET A 296 8.70 -10.26 23.94
CA MET A 296 9.03 -9.12 23.09
C MET A 296 9.06 -7.95 24.04
N GLU A 297 9.69 -6.86 23.64
CA GLU A 297 9.71 -5.67 24.51
C GLU A 297 8.29 -5.12 24.58
N ILE A 298 7.82 -4.81 25.78
CA ILE A 298 6.47 -4.30 25.96
C ILE A 298 6.45 -2.80 25.68
N SER A 299 5.34 -2.32 25.13
CA SER A 299 5.16 -0.92 24.79
C SER A 299 4.51 -0.20 25.99
N PRO A 300 5.30 0.55 26.77
CA PRO A 300 4.85 1.22 28.01
C PRO A 300 3.34 1.53 28.19
N MET A 301 2.64 1.99 27.16
CA MET A 301 1.21 2.27 27.35
C MET A 301 0.36 0.98 27.33
N CYS A 302 1.00 -0.12 26.89
CA CYS A 302 0.40 -1.44 26.87
C CYS A 302 0.83 -2.30 28.12
N ASP A 303 1.55 -1.70 29.08
CA ASP A 303 2.10 -2.41 30.29
C ASP A 303 1.20 -2.28 31.50
N LYS A 304 0.48 -3.33 31.86
CA LYS A 304 -0.49 -3.23 32.97
C LYS A 304 0.11 -3.15 34.41
N HIS A 305 1.44 -3.26 34.54
CA HIS A 305 2.09 -3.13 35.88
C HIS A 305 2.75 -1.77 36.12
N THR A 306 2.89 -0.95 35.07
CA THR A 306 3.53 0.36 35.19
C THR A 306 2.65 1.57 34.76
N ALA A 307 1.79 1.35 33.76
CA ALA A 307 0.96 2.39 33.15
C ALA A 307 -0.15 3.05 34.00
N SER A 308 -0.06 4.36 34.13
CA SER A 308 -1.10 5.12 34.76
C SER A 308 -2.15 5.30 33.66
N VAL A 309 -3.36 4.84 33.91
CA VAL A 309 -4.40 5.03 32.93
C VAL A 309 -4.66 6.54 32.79
N GLU A 310 -4.55 7.26 33.90
CA GLU A 310 -4.83 8.68 33.91
C GLU A 310 -3.79 9.47 33.07
N LYS A 311 -2.50 9.25 33.32
CA LYS A 311 -1.46 9.96 32.57
C LYS A 311 -1.57 9.63 31.10
N SER A 312 -1.95 8.40 30.79
CA SER A 312 -2.12 7.99 29.40
C SER A 312 -3.17 8.85 28.67
N GLN A 313 -4.24 9.19 29.37
CA GLN A 313 -5.28 10.02 28.78
C GLN A 313 -4.88 11.48 28.64
N VAL A 314 -4.09 12.02 29.57
CA VAL A 314 -3.72 13.43 29.52
C VAL A 314 -2.81 13.74 28.35
N GLY A 315 -1.83 12.87 28.14
CA GLY A 315 -0.84 13.02 27.08
C GLY A 315 -1.49 12.82 25.73
N PHE A 316 -2.40 11.86 25.67
CA PHE A 316 -3.14 11.56 24.44
C PHE A 316 -3.93 12.79 24.02
N ILE A 317 -4.41 13.55 24.99
CA ILE A 317 -5.15 14.78 24.71
C ILE A 317 -4.23 15.95 24.35
N ASP A 318 -3.05 16.02 25.00
CA ASP A 318 -2.12 17.14 24.77
C ASP A 318 -1.39 17.01 23.43
N TYR A 319 -0.87 15.83 23.15
CA TYR A 319 -0.04 15.60 21.98
C TYR A 319 -0.80 15.10 20.75
N ILE A 320 -1.98 14.53 20.96
CA ILE A 320 -2.72 14.01 19.84
C ILE A 320 -4.12 14.61 19.66
N VAL A 321 -5.02 14.42 20.60
CA VAL A 321 -6.38 14.89 20.39
C VAL A 321 -6.55 16.42 20.25
N HIS A 322 -6.09 17.21 21.20
CA HIS A 322 -6.27 18.67 21.16
C HIS A 322 -5.65 19.37 19.97
N PRO A 323 -4.41 19.09 19.64
CA PRO A 323 -3.80 19.73 18.47
C PRO A 323 -4.67 19.54 17.23
N LEU A 324 -5.29 18.36 17.12
CA LEU A 324 -6.17 18.04 15.99
C LEU A 324 -7.42 18.86 16.06
N TRP A 325 -8.17 18.67 17.12
CA TRP A 325 -9.42 19.37 17.36
C TRP A 325 -9.32 20.89 17.50
N GLU A 326 -8.12 21.42 17.72
CA GLU A 326 -7.92 22.87 17.79
C GLU A 326 -7.92 23.37 16.36
N THR A 327 -7.19 22.65 15.51
CA THR A 327 -7.09 22.96 14.10
C THR A 327 -8.41 22.74 13.37
N TRP A 328 -9.24 21.81 13.85
CA TRP A 328 -10.50 21.52 13.20
C TRP A 328 -11.47 22.63 13.54
N ALA A 329 -11.45 23.03 14.82
CA ALA A 329 -12.26 24.13 15.31
C ALA A 329 -11.88 25.44 14.63
N ASP A 330 -10.60 25.59 14.29
CA ASP A 330 -10.10 26.78 13.60
C ASP A 330 -10.70 26.80 12.20
N LEU A 331 -10.79 25.62 11.59
CA LEU A 331 -11.34 25.44 10.25
C LEU A 331 -12.83 25.74 10.16
N VAL A 332 -13.57 25.41 11.22
CA VAL A 332 -15.01 25.55 11.25
C VAL A 332 -15.56 26.50 12.33
N GLN A 333 -14.72 27.32 12.94
CA GLN A 333 -15.18 28.17 14.05
C GLN A 333 -16.42 28.98 13.64
N PRO A 334 -17.37 29.15 14.56
CA PRO A 334 -17.28 28.67 15.94
C PRO A 334 -18.02 27.34 16.16
N ASP A 335 -18.22 26.56 15.09
CA ASP A 335 -18.98 25.31 15.20
C ASP A 335 -18.48 24.36 16.27
N ALA A 336 -17.16 24.19 16.39
CA ALA A 336 -16.58 23.22 17.34
C ALA A 336 -16.17 23.76 18.71
N GLN A 337 -16.46 25.01 19.00
CA GLN A 337 -16.10 25.55 20.30
C GLN A 337 -16.67 24.70 21.44
N ASP A 338 -17.97 24.38 21.39
CA ASP A 338 -18.59 23.58 22.46
C ASP A 338 -17.80 22.27 22.68
N ILE A 339 -17.33 21.68 21.58
CA ILE A 339 -16.52 20.46 21.64
C ILE A 339 -15.13 20.66 22.31
N LEU A 340 -14.52 21.81 22.05
CA LEU A 340 -13.18 22.11 22.58
C LEU A 340 -13.19 22.32 24.08
N ASP A 341 -14.27 22.92 24.58
CA ASP A 341 -14.50 23.16 26.01
C ASP A 341 -14.44 21.83 26.72
N THR A 342 -15.37 20.95 26.36
CA THR A 342 -15.49 19.59 26.90
C THR A 342 -14.18 18.83 26.83
N LEU A 343 -13.41 19.08 25.78
CA LEU A 343 -12.11 18.42 25.62
C LEU A 343 -11.19 18.91 26.75
N GLU A 344 -10.99 20.22 26.83
CA GLU A 344 -10.17 20.80 27.87
C GLU A 344 -10.74 20.53 29.29
N ASP A 345 -12.01 20.12 29.40
CA ASP A 345 -12.60 19.83 30.71
C ASP A 345 -12.22 18.43 31.12
N ASN A 346 -12.58 17.45 30.28
CA ASN A 346 -12.27 16.05 30.51
C ASN A 346 -10.78 15.92 30.82
N ARG A 347 -9.99 16.66 30.06
CA ARG A 347 -8.56 16.66 30.21
C ARG A 347 -8.16 16.94 31.65
N ASN A 348 -8.75 17.98 32.25
CA ASN A 348 -8.42 18.37 33.63
C ASN A 348 -9.02 17.48 34.73
N TRP A 349 -10.03 16.68 34.37
CA TRP A 349 -10.60 15.68 35.28
C TRP A 349 -9.60 14.52 35.43
N TYR A 350 -8.90 14.23 34.34
CA TYR A 350 -7.91 13.15 34.31
C TYR A 350 -6.59 13.57 34.98
N GLN A 351 -6.29 14.87 34.93
CA GLN A 351 -5.13 15.46 35.55
C GLN A 351 -5.36 15.35 37.06
N SER A 352 -6.59 15.64 37.48
CA SER A 352 -6.99 15.59 38.90
C SER A 352 -6.97 14.18 39.47
N MET A 353 -7.14 13.17 38.63
CA MET A 353 -7.13 11.76 39.06
C MET A 353 -5.70 11.24 39.25
N ILE A 354 -4.75 12.15 39.45
CA ILE A 354 -3.33 11.82 39.65
C ILE A 354 -2.85 12.49 40.93
N PRO A 355 -2.22 11.74 41.82
CA PRO A 355 -1.72 12.30 43.09
C PRO A 355 -0.96 13.63 43.00
N GLU B 33 26.57 -29.28 -17.85
CA GLU B 33 26.57 -29.44 -19.32
C GLU B 33 27.67 -28.57 -19.90
N ASP B 34 28.43 -29.14 -20.82
CA ASP B 34 29.43 -28.40 -21.57
C ASP B 34 28.90 -26.99 -21.98
N HIS B 35 27.85 -26.96 -22.80
CA HIS B 35 27.28 -25.74 -23.35
C HIS B 35 26.89 -24.77 -22.25
N LEU B 36 26.31 -25.28 -21.17
CA LEU B 36 25.88 -24.40 -20.07
C LEU B 36 27.04 -23.69 -19.34
N ALA B 37 28.14 -24.41 -19.10
CA ALA B 37 29.30 -23.80 -18.46
C ALA B 37 29.86 -22.68 -19.33
N LYS B 38 29.88 -22.91 -20.64
CA LYS B 38 30.39 -21.93 -21.62
C LYS B 38 29.54 -20.67 -21.72
N GLU B 39 28.24 -20.79 -21.49
CA GLU B 39 27.36 -19.65 -21.60
C GLU B 39 27.39 -18.90 -20.28
N LEU B 40 27.85 -19.57 -19.22
CA LEU B 40 27.97 -18.91 -17.92
C LEU B 40 29.29 -18.14 -17.80
N GLU B 41 30.15 -18.26 -18.81
CA GLU B 41 31.35 -17.47 -18.87
C GLU B 41 31.05 -15.97 -19.00
N ASP B 42 29.84 -15.61 -19.47
CA ASP B 42 29.43 -14.20 -19.62
C ASP B 42 28.49 -13.73 -18.49
N LEU B 43 28.46 -14.47 -17.39
CA LEU B 43 27.63 -14.12 -16.23
C LEU B 43 27.89 -12.72 -15.71
N ASN B 44 29.08 -12.19 -15.95
CA ASN B 44 29.42 -10.85 -15.50
C ASN B 44 29.25 -9.81 -16.60
N LYS B 45 29.21 -10.26 -17.85
CA LYS B 45 28.93 -9.35 -18.97
C LYS B 45 27.42 -9.06 -19.17
N TRP B 46 27.15 -7.94 -19.81
CA TRP B 46 25.82 -7.49 -20.14
C TRP B 46 25.30 -8.30 -21.35
N GLY B 47 26.22 -8.84 -22.13
CA GLY B 47 25.90 -9.66 -23.28
C GLY B 47 25.61 -11.13 -23.02
N LEU B 48 25.33 -11.50 -21.77
CA LEU B 48 24.97 -12.88 -21.47
C LEU B 48 23.65 -13.19 -22.13
N ASN B 49 23.59 -14.34 -22.78
CA ASN B 49 22.35 -14.77 -23.42
C ASN B 49 21.58 -15.71 -22.52
N ILE B 50 20.63 -15.15 -21.76
CA ILE B 50 19.81 -15.95 -20.87
C ILE B 50 18.88 -16.95 -21.60
N PHE B 51 18.53 -16.68 -22.85
CA PHE B 51 17.71 -17.60 -23.65
C PHE B 51 18.45 -18.91 -23.79
N ASN B 52 19.75 -18.80 -24.04
CA ASN B 52 20.65 -19.95 -24.14
C ASN B 52 20.81 -20.70 -22.82
N VAL B 53 20.90 -20.00 -21.69
CA VAL B 53 21.03 -20.74 -20.43
C VAL B 53 19.74 -21.46 -20.12
N ALA B 54 18.63 -20.83 -20.46
CA ALA B 54 17.33 -21.42 -20.20
C ALA B 54 17.18 -22.81 -20.77
N GLY B 55 17.76 -23.04 -21.94
CA GLY B 55 17.62 -24.32 -22.60
C GLY B 55 18.67 -25.30 -22.17
N TYR B 56 19.87 -24.81 -21.91
CA TYR B 56 20.93 -25.70 -21.48
C TYR B 56 20.79 -25.96 -19.97
N SER B 57 19.67 -25.53 -19.38
CA SER B 57 19.41 -25.73 -17.96
C SER B 57 18.03 -26.32 -17.63
N HIS B 58 17.58 -27.32 -18.38
CA HIS B 58 16.27 -28.00 -18.17
C HIS B 58 15.24 -26.97 -17.71
N ASN B 59 15.21 -25.88 -18.44
CA ASN B 59 14.32 -24.77 -18.22
C ASN B 59 14.29 -24.21 -16.81
N ARG B 60 15.46 -23.95 -16.22
CA ARG B 60 15.53 -23.34 -14.86
C ARG B 60 16.47 -22.13 -14.85
N PRO B 61 16.22 -21.13 -15.70
CA PRO B 61 17.10 -19.98 -15.78
C PRO B 61 17.13 -19.22 -14.49
N LEU B 62 16.01 -19.07 -13.82
CA LEU B 62 16.01 -18.34 -12.55
C LEU B 62 16.80 -19.09 -11.46
N THR B 63 16.61 -20.40 -11.31
CA THR B 63 17.35 -21.16 -10.32
C THR B 63 18.82 -21.05 -10.70
N CME B 64 19.30 -21.81 -11.68
CA CME B 64 20.57 -21.72 -12.45
CB CME B 64 20.51 -22.15 -13.91
SG CME B 64 22.21 -22.24 -14.40
SD CME B 64 23.20 -23.72 -13.34
CE CME B 64 23.95 -23.13 -11.84
CZ CME B 64 25.43 -23.49 -11.73
OH CME B 64 26.26 -22.67 -11.30
C CME B 64 21.25 -20.37 -12.21
O CME B 64 21.78 -20.23 -11.14
N ILE B 65 20.93 -19.33 -12.98
CA ILE B 65 21.55 -17.99 -12.82
C ILE B 65 21.58 -17.41 -11.40
N MET B 66 20.65 -17.78 -10.54
CA MET B 66 20.69 -17.25 -9.16
C MET B 66 21.81 -17.96 -8.36
N TYR B 67 21.80 -19.28 -8.38
CA TYR B 67 22.84 -20.07 -7.75
C TYR B 67 24.20 -19.58 -8.23
N ALA B 68 24.31 -19.34 -9.54
CA ALA B 68 25.56 -18.86 -10.15
C ALA B 68 25.95 -17.42 -9.75
N ILE B 69 24.98 -16.54 -9.56
CA ILE B 69 25.30 -15.17 -9.16
C ILE B 69 25.70 -15.19 -7.70
N PHE B 70 25.06 -16.06 -6.94
CA PHE B 70 25.33 -16.17 -5.51
C PHE B 70 26.70 -16.77 -5.17
N GLN B 71 27.17 -17.77 -5.91
CA GLN B 71 28.48 -18.36 -5.66
C GLN B 71 29.60 -17.41 -6.05
N GLU B 72 29.43 -16.78 -7.23
CA GLU B 72 30.40 -15.82 -7.79
C GLU B 72 30.58 -14.60 -6.90
N ARG B 73 29.55 -14.24 -6.13
CA ARG B 73 29.65 -13.16 -5.14
C ARG B 73 29.93 -13.66 -3.72
N ASP B 74 30.04 -14.98 -3.54
CA ASP B 74 30.27 -15.64 -2.25
C ASP B 74 29.19 -15.38 -1.21
N LEU B 75 28.03 -14.94 -1.65
CA LEU B 75 26.93 -14.63 -0.75
C LEU B 75 26.41 -15.81 0.06
N LEU B 76 26.60 -17.04 -0.42
CA LEU B 76 26.14 -18.22 0.33
C LEU B 76 27.03 -18.42 1.56
N LYS B 77 28.33 -18.21 1.39
CA LYS B 77 29.25 -18.34 2.53
C LYS B 77 29.26 -17.08 3.45
N THR B 78 28.82 -15.92 2.91
CA THR B 78 28.78 -14.66 3.65
C THR B 78 27.51 -14.50 4.47
N PHE B 79 26.54 -15.36 4.24
CA PHE B 79 25.31 -15.27 4.99
C PHE B 79 24.84 -16.65 5.40
N ARG B 80 25.76 -17.61 5.36
CA ARG B 80 25.51 -18.98 5.79
C ARG B 80 24.15 -19.49 5.29
N ILE B 81 24.03 -19.61 3.98
CA ILE B 81 22.82 -20.11 3.36
C ILE B 81 23.16 -21.45 2.80
N SER B 82 22.60 -22.53 3.35
CA SER B 82 22.94 -23.86 2.87
C SER B 82 22.48 -24.00 1.44
N SER B 83 23.33 -24.63 0.63
CA SER B 83 23.03 -24.85 -0.78
C SER B 83 21.68 -25.53 -0.92
N ASP B 84 21.40 -26.49 -0.04
CA ASP B 84 20.14 -27.23 -0.04
C ASP B 84 18.96 -26.27 0.00
N THR B 85 18.94 -25.43 1.04
CA THR B 85 17.88 -24.44 1.29
C THR B 85 17.67 -23.42 0.15
N PHE B 86 18.77 -22.98 -0.46
CA PHE B 86 18.74 -21.96 -1.51
C PHE B 86 18.18 -22.52 -2.80
N ILE B 87 18.69 -23.68 -3.20
CA ILE B 87 18.20 -24.36 -4.39
C ILE B 87 16.73 -24.68 -4.18
N THR B 88 16.41 -25.27 -3.04
CA THR B 88 15.03 -25.60 -2.71
C THR B 88 14.11 -24.38 -2.83
N TYR B 89 14.58 -23.21 -2.40
CA TYR B 89 13.80 -21.99 -2.39
C TYR B 89 13.53 -21.44 -3.78
N MET B 90 14.59 -21.36 -4.58
CA MET B 90 14.56 -20.83 -5.92
C MET B 90 13.75 -21.69 -6.88
N MET B 91 13.79 -23.01 -6.67
CA MET B 91 13.03 -23.92 -7.50
C MET B 91 11.58 -23.65 -7.25
N THR B 92 11.27 -23.34 -5.99
CA THR B 92 9.92 -23.05 -5.57
C THR B 92 9.46 -21.68 -6.06
N LEU B 93 10.38 -20.74 -6.04
CA LEU B 93 10.12 -19.39 -6.49
C LEU B 93 9.83 -19.44 -7.97
N GLU B 94 10.69 -20.16 -8.67
CA GLU B 94 10.59 -20.30 -10.11
C GLU B 94 9.28 -20.99 -10.56
N ASP B 95 8.77 -21.92 -9.75
CA ASP B 95 7.53 -22.65 -10.10
C ASP B 95 6.30 -21.77 -9.95
N HIS B 96 6.45 -20.65 -9.26
CA HIS B 96 5.38 -19.67 -9.07
C HIS B 96 5.38 -18.56 -10.14
N TYR B 97 6.20 -18.72 -11.17
CA TYR B 97 6.28 -17.81 -12.28
C TYR B 97 5.61 -18.54 -13.45
N HIS B 98 4.42 -18.12 -13.84
CA HIS B 98 3.67 -18.81 -14.91
C HIS B 98 4.38 -19.09 -16.25
N SER B 99 4.53 -20.37 -16.57
CA SER B 99 5.13 -20.77 -17.84
C SER B 99 4.24 -20.40 -19.05
N ASP B 100 2.92 -20.30 -18.82
CA ASP B 100 1.95 -19.96 -19.88
C ASP B 100 1.93 -18.47 -20.23
N VAL B 101 2.40 -17.62 -19.33
CA VAL B 101 2.50 -16.18 -19.59
C VAL B 101 3.76 -16.02 -20.46
N ALA B 102 3.70 -15.20 -21.50
CA ALA B 102 4.79 -15.11 -22.48
C ALA B 102 6.01 -14.29 -22.10
N TYR B 103 5.83 -13.24 -21.32
CA TYR B 103 6.95 -12.37 -21.00
C TYR B 103 7.32 -12.39 -19.51
N HIS B 104 6.32 -12.26 -18.66
CA HIS B 104 6.47 -12.22 -17.22
C HIS B 104 6.66 -13.57 -16.48
N ASN B 105 7.52 -14.41 -17.06
CA ASN B 105 7.81 -15.75 -16.57
C ASN B 105 9.20 -15.73 -15.91
N SER B 106 9.71 -16.90 -15.51
CA SER B 106 10.95 -16.98 -14.75
C SER B 106 12.19 -16.60 -15.56
N LEU B 107 12.08 -16.63 -16.88
CA LEU B 107 13.18 -16.16 -17.71
C LEU B 107 13.27 -14.62 -17.70
N HIS B 108 12.20 -13.92 -17.34
CA HIS B 108 12.23 -12.46 -17.23
C HIS B 108 12.76 -12.08 -15.83
N ALA B 109 12.48 -12.90 -14.83
CA ALA B 109 13.02 -12.69 -13.49
C ALA B 109 14.50 -12.91 -13.60
N ALA B 110 14.85 -14.06 -14.16
CA ALA B 110 16.21 -14.47 -14.36
C ALA B 110 17.12 -13.43 -15.04
N ASP B 111 16.54 -12.71 -16.00
CA ASP B 111 17.25 -11.70 -16.82
C ASP B 111 17.40 -10.41 -16.05
N VAL B 112 16.44 -10.07 -15.20
CA VAL B 112 16.51 -8.83 -14.37
C VAL B 112 17.51 -9.00 -13.23
N ALA B 113 17.54 -10.23 -12.71
CA ALA B 113 18.43 -10.66 -11.69
C ALA B 113 19.86 -10.56 -12.20
N GLN B 114 20.12 -11.14 -13.37
CA GLN B 114 21.48 -11.15 -13.95
C GLN B 114 21.94 -9.75 -14.32
N SER B 115 21.09 -9.02 -15.02
CA SER B 115 21.32 -7.64 -15.38
C SER B 115 21.61 -6.80 -14.15
N THR B 116 20.93 -7.10 -13.04
CA THR B 116 21.15 -6.40 -11.75
C THR B 116 22.56 -6.72 -11.19
N HIS B 117 22.99 -7.97 -11.30
CA HIS B 117 24.28 -8.44 -10.80
C HIS B 117 25.44 -7.76 -11.52
N VAL B 118 25.18 -7.33 -12.73
CA VAL B 118 26.21 -6.72 -13.55
C VAL B 118 26.33 -5.26 -13.15
N LEU B 119 25.17 -4.63 -12.96
CA LEU B 119 25.07 -3.23 -12.60
C LEU B 119 25.66 -2.94 -11.23
N LEU B 120 25.51 -3.92 -10.32
CA LEU B 120 26.08 -3.81 -8.97
C LEU B 120 27.60 -3.71 -9.07
N SER B 121 28.17 -4.32 -10.11
CA SER B 121 29.60 -4.31 -10.40
C SER B 121 30.06 -3.17 -11.28
N THR B 122 29.38 -2.04 -11.25
CA THR B 122 29.85 -0.93 -12.08
C THR B 122 30.99 -0.27 -11.27
N PRO B 123 32.07 0.13 -11.94
CA PRO B 123 33.20 0.78 -11.25
C PRO B 123 32.83 2.04 -10.47
N ALA B 124 31.80 2.76 -10.89
CA ALA B 124 31.38 4.01 -10.23
C ALA B 124 30.64 3.79 -8.91
N LEU B 125 30.13 2.57 -8.70
CA LEU B 125 29.43 2.23 -7.45
C LEU B 125 30.12 1.07 -6.77
N ASP B 126 31.34 0.79 -7.22
CA ASP B 126 32.16 -0.28 -6.65
C ASP B 126 32.40 0.00 -5.16
N ALA B 127 32.26 -1.05 -4.34
CA ALA B 127 32.43 -1.00 -2.86
C ALA B 127 31.50 -0.04 -2.11
N VAL B 128 30.58 0.61 -2.82
CA VAL B 128 29.67 1.58 -2.20
C VAL B 128 28.60 0.89 -1.35
N PHE B 129 28.20 -0.33 -1.72
CA PHE B 129 27.17 -1.04 -0.98
C PHE B 129 27.68 -2.14 -0.03
N THR B 130 26.96 -2.29 1.08
CA THR B 130 27.19 -3.34 2.04
C THR B 130 26.79 -4.61 1.34
N ASP B 131 27.30 -5.75 1.79
CA ASP B 131 26.92 -7.03 1.18
C ASP B 131 25.46 -7.34 1.49
N LEU B 132 24.91 -6.76 2.55
CA LEU B 132 23.49 -6.96 2.81
C LEU B 132 22.67 -6.34 1.66
N GLU B 133 23.07 -5.17 1.21
CA GLU B 133 22.39 -4.46 0.13
C GLU B 133 22.57 -5.23 -1.17
N ILE B 134 23.75 -5.78 -1.41
CA ILE B 134 23.95 -6.55 -2.63
C ILE B 134 22.90 -7.65 -2.64
N LEU B 135 22.80 -8.39 -1.55
CA LEU B 135 21.76 -9.41 -1.42
C LEU B 135 20.32 -8.90 -1.72
N ALA B 136 19.91 -7.87 -1.00
CA ALA B 136 18.58 -7.32 -1.10
C ALA B 136 18.20 -7.01 -2.53
N ALA B 137 19.19 -6.54 -3.29
CA ALA B 137 18.98 -6.11 -4.65
C ALA B 137 18.82 -7.28 -5.61
N ILE B 138 19.73 -8.25 -5.54
CA ILE B 138 19.64 -9.39 -6.44
C ILE B 138 18.36 -10.16 -6.14
N PHE B 139 18.13 -10.45 -4.86
CA PHE B 139 16.93 -11.10 -4.39
C PHE B 139 15.66 -10.40 -4.88
N ALA B 140 15.61 -9.08 -4.74
CA ALA B 140 14.42 -8.32 -5.14
C ALA B 140 14.17 -8.56 -6.62
N ALA B 141 15.21 -8.37 -7.42
CA ALA B 141 15.13 -8.60 -8.84
C ALA B 141 14.39 -9.91 -9.14
N ALA B 142 14.87 -10.98 -8.51
CA ALA B 142 14.39 -12.35 -8.66
C ALA B 142 12.92 -12.60 -8.33
N ILE B 143 12.35 -11.82 -7.43
CA ILE B 143 11.00 -12.00 -6.99
C ILE B 143 10.06 -10.91 -7.52
N HIS B 144 10.58 -9.90 -8.18
CA HIS B 144 9.75 -8.73 -8.54
C HIS B 144 8.49 -8.96 -9.46
N ASP B 145 8.50 -10.04 -10.22
CA ASP B 145 7.34 -10.42 -11.00
C ASP B 145 6.73 -11.78 -10.58
N VAL B 146 7.19 -12.41 -9.48
CA VAL B 146 6.64 -13.69 -9.04
C VAL B 146 5.09 -13.73 -9.02
N ASP B 147 4.57 -14.79 -9.63
CA ASP B 147 3.16 -15.02 -9.76
C ASP B 147 2.43 -13.92 -10.59
N HIS B 148 3.01 -13.50 -11.70
CA HIS B 148 2.38 -12.49 -12.58
C HIS B 148 1.25 -13.15 -13.42
N PRO B 149 -0.01 -12.71 -13.30
CA PRO B 149 -1.10 -13.33 -14.08
C PRO B 149 -0.95 -13.18 -15.56
N GLY B 150 -0.20 -12.18 -16.01
CA GLY B 150 0.00 -11.93 -17.41
C GLY B 150 -0.71 -10.66 -17.87
N VAL B 151 -1.42 -10.02 -16.94
CA VAL B 151 -2.10 -8.76 -17.18
C VAL B 151 -1.65 -7.69 -16.19
N SER B 152 -1.86 -6.43 -16.57
CA SER B 152 -1.41 -5.25 -15.84
C SER B 152 -2.32 -4.86 -14.72
N ASN B 153 -1.95 -3.83 -13.95
CA ASN B 153 -2.83 -3.35 -12.85
C ASN B 153 -4.14 -2.69 -13.34
N GLN B 154 -4.09 -1.88 -14.40
CA GLN B 154 -5.33 -1.23 -14.85
C GLN B 154 -6.42 -2.26 -15.23
N PHE B 155 -5.98 -3.42 -15.73
CA PHE B 155 -6.86 -4.54 -16.06
C PHE B 155 -7.44 -5.23 -14.81
N LEU B 156 -6.63 -5.37 -13.74
CA LEU B 156 -7.15 -5.98 -12.51
C LEU B 156 -8.10 -5.07 -11.80
N ILE B 157 -7.73 -3.80 -11.68
CA ILE B 157 -8.62 -2.82 -11.05
C ILE B 157 -9.91 -2.70 -11.89
N ASN B 158 -9.76 -2.51 -13.20
CA ASN B 158 -10.91 -2.38 -14.09
C ASN B 158 -11.87 -3.59 -13.97
N THR B 159 -11.33 -4.80 -13.86
CA THR B 159 -12.15 -6.02 -13.80
C THR B 159 -12.55 -6.53 -12.42
N ASN B 160 -12.25 -5.78 -11.35
CA ASN B 160 -12.61 -6.17 -9.98
C ASN B 160 -12.01 -7.51 -9.56
N SER B 161 -10.79 -7.75 -10.01
CA SER B 161 -10.05 -8.96 -9.64
C SER B 161 -9.93 -9.08 -8.12
N GLU B 162 -9.56 -10.26 -7.64
CA GLU B 162 -9.42 -10.45 -6.19
C GLU B 162 -8.19 -9.73 -5.66
N LEU B 163 -7.09 -9.79 -6.39
CA LEU B 163 -5.89 -9.06 -5.99
C LEU B 163 -6.12 -7.57 -5.92
N ALA B 164 -7.05 -7.05 -6.71
CA ALA B 164 -7.29 -5.61 -6.70
C ALA B 164 -8.17 -5.26 -5.54
N LEU B 165 -9.00 -6.20 -5.12
CA LEU B 165 -9.89 -5.93 -4.01
C LEU B 165 -9.10 -5.99 -2.70
N MET B 166 -8.20 -6.97 -2.65
CA MET B 166 -7.32 -7.18 -1.54
C MET B 166 -6.32 -6.03 -1.35
N TYR B 167 -5.83 -5.47 -2.45
CA TYR B 167 -4.84 -4.39 -2.36
C TYR B 167 -5.35 -3.00 -2.59
N ASN B 168 -6.65 -2.80 -2.47
CA ASN B 168 -7.23 -1.48 -2.68
C ASN B 168 -6.65 -0.72 -3.87
N ASP B 169 -6.53 -1.39 -5.01
CA ASP B 169 -6.03 -0.80 -6.26
C ASP B 169 -4.61 -0.16 -6.24
N GLU B 170 -3.91 -0.10 -5.09
CA GLU B 170 -2.54 0.50 -5.01
C GLU B 170 -1.42 -0.50 -5.32
N SER B 171 -0.62 -0.22 -6.35
CA SER B 171 0.43 -1.12 -6.81
C SER B 171 0.00 -2.54 -6.44
N VAL B 172 -1.12 -2.98 -7.04
CA VAL B 172 -1.73 -4.28 -6.77
C VAL B 172 -0.85 -5.50 -7.05
N LEU B 173 -0.09 -5.48 -8.14
CA LEU B 173 0.70 -6.64 -8.54
C LEU B 173 2.02 -6.68 -7.80
N GLU B 174 2.65 -5.51 -7.74
CA GLU B 174 3.91 -5.30 -7.07
C GLU B 174 3.73 -5.69 -5.60
N ASN B 175 2.64 -5.31 -4.96
CA ASN B 175 2.45 -5.73 -3.60
C ASN B 175 2.31 -7.24 -3.55
N HIS B 176 1.59 -7.80 -4.51
CA HIS B 176 1.35 -9.25 -4.57
C HIS B 176 2.61 -10.07 -4.77
N HIS B 177 3.57 -9.56 -5.56
CA HIS B 177 4.85 -10.22 -5.84
C HIS B 177 5.70 -10.36 -4.58
N LEU B 178 5.66 -9.33 -3.74
CA LEU B 178 6.44 -9.30 -2.52
C LEU B 178 5.86 -10.23 -1.49
N ALA B 179 4.53 -10.25 -1.43
CA ALA B 179 3.82 -11.09 -0.50
C ALA B 179 4.08 -12.55 -0.77
N VAL B 180 4.29 -12.92 -2.03
CA VAL B 180 4.51 -14.30 -2.40
C VAL B 180 5.94 -14.68 -2.07
N GLY B 181 6.89 -13.86 -2.53
CA GLY B 181 8.31 -14.05 -2.26
C GLY B 181 8.65 -14.24 -0.79
N PHE B 182 8.16 -13.37 0.08
CA PHE B 182 8.38 -13.49 1.52
C PHE B 182 7.58 -14.62 2.16
N LYS B 183 6.47 -15.03 1.55
CA LYS B 183 5.68 -16.13 2.10
C LYS B 183 6.35 -17.49 1.87
N LEU B 184 7.29 -17.55 0.92
CA LEU B 184 7.97 -18.81 0.64
C LEU B 184 9.11 -19.06 1.63
N LEU B 185 9.51 -17.98 2.28
CA LEU B 185 10.55 -18.04 3.28
C LEU B 185 9.97 -18.52 4.58
N GLN B 186 8.64 -18.54 4.70
CA GLN B 186 7.96 -18.95 5.93
C GLN B 186 8.20 -20.41 6.31
N GLU B 187 8.29 -21.29 5.31
CA GLU B 187 8.59 -22.71 5.55
C GLU B 187 10.11 -22.79 5.79
N GLU B 188 10.50 -23.09 7.03
CA GLU B 188 11.93 -23.18 7.41
C GLU B 188 12.87 -23.95 6.44
N HIS B 189 12.35 -24.98 5.77
CA HIS B 189 13.13 -25.75 4.80
C HIS B 189 13.46 -24.88 3.57
N CYS B 190 12.76 -23.74 3.44
CA CYS B 190 12.95 -22.78 2.36
C CYS B 190 13.57 -21.45 2.89
N ASP B 191 13.87 -21.35 4.17
CA ASP B 191 14.35 -20.09 4.78
C ASP B 191 15.85 -19.79 4.52
N ILE B 192 16.11 -18.86 3.62
CA ILE B 192 17.46 -18.46 3.26
C ILE B 192 17.98 -17.23 4.02
N PHE B 193 17.19 -16.68 4.90
CA PHE B 193 17.58 -15.47 5.64
C PHE B 193 17.58 -15.82 7.13
N MET B 194 17.59 -17.12 7.42
CA MET B 194 17.52 -17.61 8.77
C MET B 194 18.80 -17.31 9.57
N ASN B 195 19.95 -17.31 8.90
CA ASN B 195 21.21 -17.04 9.58
C ASN B 195 21.70 -15.60 9.45
N LEU B 196 20.79 -14.64 9.57
CA LEU B 196 21.14 -13.21 9.60
C LEU B 196 20.68 -12.70 10.97
N THR B 197 21.03 -11.48 11.37
CA THR B 197 20.51 -10.95 12.65
C THR B 197 19.05 -10.59 12.42
N LYS B 198 18.33 -10.31 13.51
CA LYS B 198 16.95 -9.84 13.39
C LYS B 198 17.05 -8.49 12.69
N LYS B 199 18.09 -7.72 13.05
CA LYS B 199 18.38 -6.41 12.44
C LYS B 199 18.67 -6.50 10.93
N GLN B 200 19.27 -7.59 10.50
CA GLN B 200 19.56 -7.76 9.08
C GLN B 200 18.30 -8.17 8.28
N ARG B 201 17.40 -8.96 8.87
CA ARG B 201 16.18 -9.41 8.21
C ARG B 201 15.26 -8.19 7.99
N GLN B 202 15.14 -7.40 9.06
CA GLN B 202 14.35 -6.16 9.12
C GLN B 202 14.85 -5.17 8.03
N THR B 203 16.14 -4.88 8.02
CA THR B 203 16.69 -3.96 7.02
C THR B 203 16.65 -4.52 5.59
N LEU B 204 16.81 -5.84 5.46
CA LEU B 204 16.77 -6.50 4.15
C LEU B 204 15.35 -6.34 3.56
N ARG B 205 14.34 -6.64 4.37
CA ARG B 205 12.94 -6.59 3.98
C ARG B 205 12.51 -5.16 3.66
N LYS B 206 12.91 -4.18 4.46
CA LYS B 206 12.58 -2.80 4.18
C LYS B 206 13.11 -2.39 2.78
N MET B 207 14.21 -3.01 2.37
CA MET B 207 14.86 -2.71 1.10
C MET B 207 14.31 -3.51 -0.07
N VAL B 208 13.90 -4.76 0.15
CA VAL B 208 13.33 -5.51 -0.95
C VAL B 208 11.99 -4.86 -1.25
N ILE B 209 11.20 -4.63 -0.21
CA ILE B 209 9.91 -4.00 -0.34
C ILE B 209 10.00 -2.72 -1.17
N ASP B 210 10.91 -1.86 -0.78
CA ASP B 210 11.09 -0.59 -1.46
C ASP B 210 11.42 -0.75 -2.91
N MET B 211 12.42 -1.59 -3.18
CA MET B 211 12.91 -1.85 -4.53
C MET B 211 11.83 -2.47 -5.44
N VAL B 212 11.15 -3.52 -4.97
CA VAL B 212 10.11 -4.20 -5.77
C VAL B 212 8.89 -3.30 -6.03
N LEU B 213 8.52 -2.49 -5.05
CA LEU B 213 7.46 -1.52 -5.21
C LEU B 213 7.83 -0.47 -6.25
N ALA B 214 9.12 -0.14 -6.38
CA ALA B 214 9.54 0.82 -7.40
C ALA B 214 9.47 0.30 -8.85
N THR B 215 9.12 -0.97 -9.06
CA THR B 215 8.99 -1.53 -10.43
C THR B 215 7.58 -1.26 -11.06
N ASP B 216 6.79 -0.45 -10.36
CA ASP B 216 5.47 -0.05 -10.74
C ASP B 216 5.59 1.10 -11.75
N MET B 217 5.11 0.89 -12.97
CA MET B 217 5.27 1.90 -14.01
C MET B 217 4.54 3.24 -13.74
N SER B 218 3.62 3.28 -12.78
CA SER B 218 3.00 4.54 -12.38
C SER B 218 3.95 5.39 -11.50
N LYS B 219 5.03 4.77 -11.02
CA LYS B 219 6.03 5.43 -10.18
C LYS B 219 7.22 5.92 -11.00
N HIS B 220 7.33 5.45 -12.24
CA HIS B 220 8.45 5.78 -13.13
C HIS B 220 8.77 7.27 -13.18
N MET B 221 7.78 8.10 -13.49
CA MET B 221 8.01 9.54 -13.61
C MET B 221 8.68 10.19 -12.39
N SER B 222 8.20 9.90 -11.19
CA SER B 222 8.75 10.50 -9.97
C SER B 222 10.09 9.89 -9.59
N LEU B 223 10.35 8.70 -10.10
CA LEU B 223 11.57 7.98 -9.82
C LEU B 223 12.70 8.53 -10.69
N LEU B 224 12.35 8.95 -11.91
CA LEU B 224 13.28 9.51 -12.88
C LEU B 224 13.58 10.90 -12.42
N ALA B 225 12.56 11.56 -11.87
CA ALA B 225 12.70 12.90 -11.33
C ALA B 225 13.61 12.89 -10.10
N ASP B 226 13.52 11.84 -9.29
CA ASP B 226 14.37 11.71 -8.09
C ASP B 226 15.81 11.53 -8.50
N LEU B 227 16.01 10.58 -9.41
CA LEU B 227 17.33 10.27 -9.91
C LEU B 227 17.98 11.44 -10.65
N LYS B 228 17.18 12.35 -11.22
CA LYS B 228 17.74 13.48 -11.97
C LYS B 228 18.31 14.52 -11.00
N THR B 229 17.71 14.62 -9.83
CA THR B 229 18.17 15.53 -8.77
C THR B 229 19.44 14.98 -8.14
N MET B 230 19.46 13.67 -7.94
CA MET B 230 20.60 12.95 -7.39
C MET B 230 21.83 13.24 -8.22
N VAL B 231 21.67 13.09 -9.54
CA VAL B 231 22.73 13.29 -10.52
C VAL B 231 23.31 14.70 -10.50
N GLU B 232 22.45 15.69 -10.31
CA GLU B 232 22.88 17.10 -10.29
C GLU B 232 23.74 17.45 -9.07
N THR B 233 23.62 16.68 -7.99
CA THR B 233 24.40 16.88 -6.79
C THR B 233 25.33 15.68 -6.53
N LYS B 234 25.88 15.13 -7.61
CA LYS B 234 26.78 13.98 -7.54
C LYS B 234 28.12 14.35 -6.93
N LYS B 235 28.58 13.55 -5.98
CA LYS B 235 29.89 13.74 -5.38
C LYS B 235 30.65 12.44 -5.59
N VAL B 236 31.95 12.53 -5.83
CA VAL B 236 32.79 11.35 -5.97
C VAL B 236 34.03 11.45 -5.06
N THR B 237 34.82 10.39 -4.99
CA THR B 237 36.06 10.40 -4.22
C THR B 237 37.15 10.71 -5.22
N SER B 238 38.40 10.74 -4.76
CA SER B 238 39.52 10.97 -5.67
C SER B 238 39.52 9.86 -6.74
N SER B 239 39.14 8.65 -6.33
CA SER B 239 39.07 7.46 -7.20
C SER B 239 37.91 7.40 -8.23
N GLY B 240 37.11 8.45 -8.32
CA GLY B 240 36.03 8.50 -9.30
C GLY B 240 34.98 7.46 -9.01
N VAL B 241 34.41 7.55 -7.81
CA VAL B 241 33.36 6.64 -7.38
C VAL B 241 32.45 7.47 -6.50
N LEU B 242 31.15 7.42 -6.75
CA LEU B 242 30.19 8.23 -6.01
C LEU B 242 30.20 8.05 -4.50
N LEU B 243 29.66 9.07 -3.83
CA LEU B 243 29.64 9.14 -2.39
C LEU B 243 28.18 9.09 -1.97
N LEU B 244 27.85 8.09 -1.17
CA LEU B 244 26.48 7.91 -0.71
C LEU B 244 26.42 7.93 0.82
N ASP B 245 26.16 9.12 1.39
CA ASP B 245 26.09 9.35 2.85
C ASP B 245 25.59 8.13 3.62
N ASN B 246 24.29 8.03 3.79
CA ASN B 246 23.69 6.97 4.59
C ASN B 246 22.60 6.22 3.76
N TYR B 247 21.56 5.73 4.44
CA TYR B 247 20.53 4.91 3.80
C TYR B 247 19.77 5.59 2.65
N THR B 248 19.10 6.73 2.88
CA THR B 248 18.30 7.37 1.81
C THR B 248 18.99 7.37 0.48
N ASP B 249 20.27 7.74 0.49
CA ASP B 249 21.03 7.84 -0.75
C ASP B 249 21.31 6.50 -1.42
N ARG B 250 21.55 5.46 -0.64
CA ARG B 250 21.84 4.15 -1.22
C ARG B 250 20.59 3.51 -1.84
N ILE B 251 19.52 3.42 -1.07
CA ILE B 251 18.29 2.80 -1.55
C ILE B 251 17.70 3.48 -2.78
N GLN B 252 17.97 4.78 -2.95
CA GLN B 252 17.50 5.49 -4.14
C GLN B 252 18.18 4.85 -5.33
N VAL B 253 19.51 4.76 -5.31
CA VAL B 253 20.27 4.16 -6.40
C VAL B 253 19.87 2.70 -6.65
N LEU B 254 19.68 1.90 -5.61
CA LEU B 254 19.22 0.51 -5.76
C LEU B 254 17.80 0.39 -6.37
N ARG B 255 16.89 1.27 -5.96
CA ARG B 255 15.56 1.28 -6.56
C ARG B 255 15.73 1.54 -8.05
N ASN B 256 16.47 2.60 -8.36
CA ASN B 256 16.70 3.03 -9.74
C ASN B 256 17.50 2.04 -10.53
N MET B 257 18.26 1.20 -9.85
CA MET B 257 19.10 0.21 -10.50
C MET B 257 18.24 -1.00 -10.90
N VAL B 258 17.32 -1.39 -10.03
CA VAL B 258 16.46 -2.53 -10.33
C VAL B 258 15.42 -2.12 -11.38
N HIS B 259 14.95 -0.88 -11.28
CA HIS B 259 14.02 -0.33 -12.25
C HIS B 259 14.67 -0.30 -13.62
N CYS B 260 15.97 0.05 -13.70
CA CYS B 260 16.69 0.03 -14.99
C CYS B 260 16.91 -1.38 -15.52
N ALA B 261 17.07 -2.36 -14.63
CA ALA B 261 17.24 -3.75 -15.03
C ALA B 261 15.93 -4.23 -15.66
N ASP B 262 14.82 -3.91 -15.01
CA ASP B 262 13.47 -4.19 -15.53
C ASP B 262 13.27 -3.57 -16.98
N LEU B 263 13.83 -2.37 -17.20
CA LEU B 263 13.72 -1.68 -18.48
C LEU B 263 15.01 -1.74 -19.29
N SER B 264 15.76 -2.84 -19.11
CA SER B 264 17.01 -3.06 -19.82
C SER B 264 16.87 -3.79 -21.17
N ASN B 265 15.74 -4.42 -21.42
CA ASN B 265 15.59 -5.18 -22.65
C ASN B 265 16.12 -4.44 -23.91
N PRO B 266 15.78 -3.16 -24.12
CA PRO B 266 16.31 -2.42 -25.28
C PRO B 266 17.81 -2.10 -25.21
N THR B 267 18.44 -2.18 -24.03
CA THR B 267 19.90 -1.99 -23.96
C THR B 267 20.71 -3.18 -24.47
N LYS B 268 20.14 -4.39 -24.38
CA LYS B 268 20.76 -5.64 -24.84
C LYS B 268 21.01 -5.65 -26.34
N SER B 269 21.58 -6.73 -26.88
CA SER B 269 21.86 -6.84 -28.33
C SER B 269 20.56 -7.02 -29.12
N LEU B 270 20.51 -6.54 -30.36
CA LEU B 270 19.31 -6.68 -31.18
C LEU B 270 18.80 -8.13 -31.16
N GLU B 271 19.74 -9.06 -31.22
CA GLU B 271 19.46 -10.50 -31.18
C GLU B 271 18.50 -10.87 -30.04
N LEU B 272 18.79 -10.43 -28.82
CA LEU B 272 17.95 -10.73 -27.63
C LEU B 272 16.80 -9.74 -27.40
N TYR B 273 16.98 -8.51 -27.82
CA TYR B 273 15.95 -7.46 -27.66
C TYR B 273 14.75 -7.76 -28.58
N ARG B 274 14.96 -8.49 -29.67
CA ARG B 274 13.85 -8.81 -30.56
C ARG B 274 12.99 -9.92 -29.95
N GLN B 275 13.65 -10.87 -29.28
CA GLN B 275 12.95 -11.98 -28.64
C GLN B 275 12.17 -11.50 -27.45
N TRP B 276 12.65 -10.42 -26.81
CA TRP B 276 11.94 -9.85 -25.65
C TRP B 276 10.70 -9.08 -26.09
N THR B 277 10.90 -8.27 -27.13
CA THR B 277 9.87 -7.44 -27.72
C THR B 277 8.72 -8.30 -28.18
N ASP B 278 9.05 -9.44 -28.78
CA ASP B 278 8.04 -10.36 -29.26
C ASP B 278 7.25 -10.94 -28.12
N ARG B 279 7.93 -11.55 -27.18
CA ARG B 279 7.30 -12.12 -25.99
C ARG B 279 6.28 -11.19 -25.35
N ILE B 280 6.61 -9.92 -25.20
CA ILE B 280 5.69 -8.95 -24.56
C ILE B 280 4.48 -8.64 -25.46
N MET B 281 4.72 -8.47 -26.76
CA MET B 281 3.63 -8.16 -27.68
C MET B 281 2.54 -9.22 -27.64
N GLU B 282 2.98 -10.46 -27.50
CA GLU B 282 2.09 -11.59 -27.37
C GLU B 282 1.25 -11.43 -26.13
N GLU B 283 1.91 -11.20 -24.98
CA GLU B 283 1.26 -11.01 -23.66
C GLU B 283 0.26 -9.84 -23.65
N PHE B 284 0.67 -8.72 -24.20
CA PHE B 284 -0.21 -7.57 -24.32
C PHE B 284 -1.43 -7.93 -25.32
N PHE B 285 -1.17 -8.61 -26.45
CA PHE B 285 -2.28 -9.03 -27.34
C PHE B 285 -3.17 -10.07 -26.65
N GLN B 286 -2.56 -10.82 -25.73
CA GLN B 286 -3.29 -11.79 -24.90
C GLN B 286 -4.29 -10.95 -24.10
N GLN B 287 -3.82 -9.86 -23.50
CA GLN B 287 -4.70 -8.99 -22.73
C GLN B 287 -5.80 -8.30 -23.60
N GLY B 288 -5.41 -7.87 -24.80
CA GLY B 288 -6.29 -7.13 -25.69
C GLY B 288 -7.55 -7.90 -26.03
N ASP B 289 -7.34 -9.14 -26.44
CA ASP B 289 -8.38 -10.08 -26.82
C ASP B 289 -9.23 -10.49 -25.60
N LYS B 290 -8.64 -10.49 -24.41
CA LYS B 290 -9.37 -10.81 -23.17
C LYS B 290 -10.31 -9.66 -22.80
N GLU B 291 -9.86 -8.44 -23.06
CA GLU B 291 -10.67 -7.24 -22.87
C GLU B 291 -11.87 -7.32 -23.83
N ARG B 292 -11.60 -7.79 -25.05
CA ARG B 292 -12.62 -7.98 -26.05
C ARG B 292 -13.68 -8.95 -25.53
N GLU B 293 -13.25 -10.12 -25.07
CA GLU B 293 -14.17 -11.11 -24.53
C GLU B 293 -15.02 -10.54 -23.42
N ARG B 294 -14.58 -9.46 -22.77
CA ARG B 294 -15.34 -8.78 -21.71
C ARG B 294 -16.24 -7.61 -22.22
N GLY B 295 -15.90 -7.06 -23.38
CA GLY B 295 -16.63 -5.93 -23.94
C GLY B 295 -16.17 -4.59 -23.42
N MET B 296 -14.95 -4.55 -22.86
CA MET B 296 -14.37 -3.31 -22.34
C MET B 296 -13.45 -2.69 -23.39
N GLU B 297 -13.19 -1.39 -23.27
CA GLU B 297 -12.32 -0.69 -24.21
C GLU B 297 -10.95 -1.28 -24.24
N ILE B 298 -10.46 -1.49 -25.45
CA ILE B 298 -9.11 -2.05 -25.67
C ILE B 298 -8.11 -0.93 -25.41
N SER B 299 -6.83 -1.29 -25.36
CA SER B 299 -5.77 -0.30 -25.17
C SER B 299 -4.99 -0.33 -26.46
N PRO B 300 -4.96 0.78 -27.20
CA PRO B 300 -4.28 0.83 -28.52
C PRO B 300 -2.90 0.20 -28.59
N MET B 301 -2.37 -0.12 -27.42
CA MET B 301 -1.08 -0.79 -27.28
C MET B 301 -1.28 -2.32 -27.39
N CYS B 302 -2.32 -2.81 -26.73
CA CYS B 302 -2.61 -4.24 -26.66
C CYS B 302 -3.59 -4.79 -27.74
N ASP B 303 -3.96 -4.00 -28.74
CA ASP B 303 -4.92 -4.47 -29.75
C ASP B 303 -4.18 -5.05 -30.92
N LYS B 304 -4.28 -6.37 -31.11
CA LYS B 304 -3.55 -7.01 -32.22
C LYS B 304 -4.01 -6.62 -33.67
N HIS B 305 -5.18 -6.01 -33.84
CA HIS B 305 -5.70 -5.61 -35.20
C HIS B 305 -5.18 -4.29 -35.75
N THR B 306 -4.97 -3.33 -34.84
CA THR B 306 -4.51 -1.98 -35.15
C THR B 306 -3.00 -1.77 -34.89
N ALA B 307 -2.55 -2.21 -33.72
CA ALA B 307 -1.19 -2.00 -33.18
C ALA B 307 0.01 -2.42 -34.00
N SER B 308 0.95 -1.50 -34.14
CA SER B 308 2.19 -1.76 -34.85
C SER B 308 3.21 -2.12 -33.78
N VAL B 309 3.94 -3.23 -33.96
CA VAL B 309 4.94 -3.61 -32.96
C VAL B 309 6.11 -2.64 -33.05
N GLU B 310 6.50 -2.35 -34.29
CA GLU B 310 7.63 -1.48 -34.58
C GLU B 310 7.44 -0.10 -33.91
N LYS B 311 6.39 0.61 -34.30
CA LYS B 311 6.11 1.94 -33.73
C LYS B 311 6.03 1.94 -32.19
N SER B 312 5.70 0.80 -31.60
CA SER B 312 5.59 0.66 -30.12
C SER B 312 6.96 0.76 -29.38
N GLN B 313 8.02 0.20 -29.95
CA GLN B 313 9.36 0.24 -29.34
C GLN B 313 10.05 1.58 -29.51
N VAL B 314 9.75 2.28 -30.61
CA VAL B 314 10.34 3.60 -30.86
C VAL B 314 9.71 4.61 -29.92
N GLY B 315 8.46 4.36 -29.53
CA GLY B 315 7.79 5.18 -28.55
C GLY B 315 8.19 4.76 -27.14
N PHE B 316 8.59 3.50 -26.99
CA PHE B 316 9.01 2.95 -25.69
C PHE B 316 10.42 3.42 -25.37
N ILE B 317 11.24 3.55 -26.40
CA ILE B 317 12.59 3.97 -26.16
C ILE B 317 12.63 5.50 -25.99
N ASP B 318 12.18 6.25 -26.97
CA ASP B 318 12.28 7.71 -26.87
C ASP B 318 11.60 8.35 -25.65
N TYR B 319 10.54 7.75 -25.13
CA TYR B 319 9.80 8.37 -24.01
C TYR B 319 9.96 7.67 -22.64
N ILE B 320 10.46 6.44 -22.61
CA ILE B 320 10.60 5.72 -21.35
C ILE B 320 12.01 5.23 -21.05
N VAL B 321 12.50 4.29 -21.85
CA VAL B 321 13.81 3.69 -21.59
C VAL B 321 15.02 4.62 -21.81
N HIS B 322 15.07 5.35 -22.91
CA HIS B 322 16.20 6.28 -23.16
C HIS B 322 16.33 7.36 -22.09
N PRO B 323 15.28 8.12 -21.80
CA PRO B 323 15.36 9.13 -20.73
C PRO B 323 15.91 8.58 -19.41
N LEU B 324 15.55 7.34 -19.08
CA LEU B 324 16.00 6.71 -17.84
C LEU B 324 17.47 6.36 -17.83
N TRP B 325 17.89 5.57 -18.81
CA TRP B 325 19.29 5.14 -18.93
C TRP B 325 20.26 6.26 -19.28
N GLU B 326 19.76 7.41 -19.73
CA GLU B 326 20.62 8.57 -20.07
C GLU B 326 20.96 9.26 -18.76
N THR B 327 20.00 9.26 -17.85
CA THR B 327 20.20 9.83 -16.53
C THR B 327 21.10 8.92 -15.69
N TRP B 328 20.94 7.61 -15.88
CA TRP B 328 21.73 6.62 -15.17
C TRP B 328 23.15 6.58 -15.70
N ALA B 329 23.33 6.77 -17.00
CA ALA B 329 24.66 6.76 -17.59
C ALA B 329 25.41 7.98 -17.06
N ASP B 330 24.66 9.05 -16.88
CA ASP B 330 25.18 10.29 -16.33
C ASP B 330 25.69 10.06 -14.91
N LEU B 331 24.93 9.28 -14.15
CA LEU B 331 25.28 8.94 -12.78
C LEU B 331 26.60 8.18 -12.72
N VAL B 332 26.68 7.10 -13.48
CA VAL B 332 27.81 6.18 -13.48
C VAL B 332 28.82 6.40 -14.60
N GLN B 333 28.90 7.60 -15.16
CA GLN B 333 29.79 7.82 -16.32
C GLN B 333 31.27 7.61 -16.00
N PRO B 334 32.04 7.05 -16.94
CA PRO B 334 31.59 6.68 -18.30
C PRO B 334 31.08 5.23 -18.47
N ASP B 335 30.94 4.48 -17.37
CA ASP B 335 30.59 3.05 -17.37
C ASP B 335 29.44 2.58 -18.28
N ALA B 336 28.32 3.28 -18.28
CA ALA B 336 27.17 2.87 -19.11
C ALA B 336 27.19 3.47 -20.51
N GLN B 337 28.35 3.94 -20.97
CA GLN B 337 28.40 4.55 -22.27
C GLN B 337 27.91 3.56 -23.33
N ASP B 338 28.67 2.48 -23.52
CA ASP B 338 28.35 1.48 -24.55
C ASP B 338 26.90 0.98 -24.48
N ILE B 339 26.29 1.06 -23.31
CA ILE B 339 24.91 0.65 -23.21
C ILE B 339 24.04 1.65 -23.97
N LEU B 340 24.34 2.94 -23.82
CA LEU B 340 23.65 4.00 -24.56
C LEU B 340 23.86 3.88 -26.07
N ASP B 341 25.07 3.54 -26.48
CA ASP B 341 25.42 3.35 -27.90
C ASP B 341 24.43 2.39 -28.55
N THR B 342 24.23 1.23 -27.90
CA THR B 342 23.34 0.16 -28.35
C THR B 342 21.88 0.62 -28.39
N LEU B 343 21.49 1.34 -27.35
CA LEU B 343 20.15 1.86 -27.21
C LEU B 343 19.75 2.57 -28.48
N GLU B 344 20.59 3.51 -28.90
CA GLU B 344 20.36 4.28 -30.09
C GLU B 344 20.29 3.38 -31.33
N ASP B 345 21.20 2.42 -31.40
CA ASP B 345 21.23 1.46 -32.51
C ASP B 345 19.93 0.68 -32.65
N ASN B 346 19.42 0.15 -31.54
CA ASN B 346 18.19 -0.64 -31.54
C ASN B 346 16.94 0.18 -31.83
N ARG B 347 16.99 1.46 -31.48
CA ARG B 347 15.91 2.39 -31.68
C ARG B 347 15.90 2.70 -33.16
N ASN B 348 17.06 3.07 -33.67
CA ASN B 348 17.20 3.40 -35.08
C ASN B 348 16.86 2.20 -35.97
N TRP B 349 16.96 0.99 -35.43
CA TRP B 349 16.66 -0.19 -36.23
C TRP B 349 15.15 -0.34 -36.41
N TYR B 350 14.45 -0.37 -35.29
CA TYR B 350 13.00 -0.49 -35.32
C TYR B 350 12.34 0.63 -36.12
N GLN B 351 13.01 1.78 -36.17
CA GLN B 351 12.56 2.92 -36.95
C GLN B 351 12.62 2.51 -38.41
N SER B 352 13.64 1.74 -38.78
CA SER B 352 13.79 1.24 -40.16
C SER B 352 12.73 0.19 -40.56
N MET B 353 12.07 -0.46 -39.60
CA MET B 353 11.06 -1.50 -39.91
C MET B 353 9.64 -0.98 -40.26
N ILE B 354 9.42 0.32 -40.16
CA ILE B 354 8.15 0.96 -40.54
C ILE B 354 8.40 1.85 -41.78
N PRO B 355 7.44 1.91 -42.70
CA PRO B 355 7.53 2.84 -43.83
C PRO B 355 6.77 4.13 -43.54
ZN ZN C . -11.15 3.33 14.59
MG MG D . -8.25 1.68 12.67
O21 7DE E . -8.54 5.75 15.96
N19 7DE E . -7.36 5.41 15.78
O20 7DE E . -6.92 5.03 14.68
C12 7DE E . -6.81 4.76 16.85
C13 7DE E . -6.44 3.41 16.69
C11 7DE E . -6.69 5.39 18.10
C3 7DE E . -6.19 4.66 19.16
C2 7DE E . -5.83 3.34 18.97
C1 7DE E . -5.96 2.69 17.76
N4 7DE E . -5.95 5.12 20.41
C5 7DE E . -6.80 5.34 21.40
C6 7DE E . -8.33 5.20 21.31
C7 7DE E . -6.10 5.73 22.47
C8 7DE E . -4.69 5.71 22.05
N10 7DE E . -4.69 5.33 20.83
C9 7DE E . -3.42 6.03 22.78
C14 7DE E . -6.62 6.09 23.79
O18 7DE E . -5.81 6.32 24.68
O15 7DE E . -7.88 6.57 23.84
C16 7DE E . -8.44 6.88 25.13
C17 7DE E . -9.99 6.94 25.02
ZN ZN F . 9.57 -7.07 -14.63
MG MG G . 6.49 -6.26 -12.44
O21 7DE H . 9.32 -3.00 -16.36
N19 7DE H . 8.15 -2.80 -16.03
O20 7DE H . 7.74 -2.54 -14.89
C12 7DE H . 7.20 -3.07 -16.97
C13 7DE H . 5.91 -3.51 -16.61
C11 7DE H . 7.54 -2.91 -18.32
C3 7DE H . 6.61 -3.20 -19.28
C2 7DE H . 5.32 -3.62 -18.92
C1 7DE H . 4.96 -3.81 -17.59
N4 7DE H . 6.85 -3.02 -20.58
C5 7DE H . 7.70 -3.66 -21.35
C6 7DE H . 8.66 -4.74 -20.88
C7 7DE H . 7.58 -3.15 -22.60
C8 7DE H . 6.52 -2.13 -22.52
N10 7DE H . 6.14 -2.10 -21.30
C9 7DE H . 5.98 -1.26 -23.61
C14 7DE H . 8.27 -3.48 -23.84
O18 7DE H . 7.74 -3.08 -24.89
O15 7DE H . 9.05 -4.58 -23.80
C16 7DE H . 9.90 -4.73 -24.94
C17 7DE H . 11.08 -5.67 -24.60
#